data_5TR7
#
_entry.id   5TR7
#
_cell.length_a   88.749
_cell.length_b   88.749
_cell.length_c   85.425
_cell.angle_alpha   90.00
_cell.angle_beta   90.00
_cell.angle_gamma   120.00
#
_symmetry.space_group_name_H-M   'P 31'
#
loop_
_entity.id
_entity.type
_entity.pdbx_description
1 polymer 'D-alanyl-D-alanine carboxypeptidase'
2 non-polymer DI(HYDROXYETHYL)ETHER
3 non-polymer 'NITRITE ION'
4 non-polymer GLYCEROL
5 water water
#
_entity_poly.entity_id   1
_entity_poly.type   'polypeptide(L)'
_entity_poly.pdbx_seq_one_letter_code
;PDAPQIAAKGYVLMDYHSGKVLAEKEMDTKLSPASLTKMMTSYVIGQEVKRGNISLNDDVVISKNAWAKNFPDSSKMFVE
VGTTVKVSDLNRGIIIQSGNDACVAMAEHVAGTEDAFVDLMNAWASSLGMKNSHFTNSHGLDDPNLYSTPYDLALLGQAL
IRDVPEEYAIYSEQKFTYNGITQYNRNGLLWDKSMNVDGIKTGHTSGAGYNLVSSATEGNMRLVAVVMGTDNENARKAES
KKLLSYGFRFFETVAPHKAGETFVNETIWMGDKDTIALGVDKDTYVTLPRGQAKDLTASFVLEKQLKAPLKKGDIVGTLY
YQLAGNDIAQYPLLALEDVQE
;
_entity_poly.pdbx_strand_id   A,B,C
#
loop_
_chem_comp.id
_chem_comp.type
_chem_comp.name
_chem_comp.formula
GOL non-polymer GLYCEROL 'C3 H8 O3'
NO2 non-polymer 'NITRITE ION' 'N O2 -1'
PEG non-polymer DI(HYDROXYETHYL)ETHER 'C4 H10 O3'
#
# COMPACT_ATOMS: atom_id res chain seq x y z
N ASP A 2 38.70 -17.75 -14.42
CA ASP A 2 37.37 -17.49 -15.07
C ASP A 2 36.24 -17.43 -14.09
N ALA A 3 35.93 -16.19 -13.74
CA ALA A 3 34.87 -16.02 -12.74
C ALA A 3 33.64 -16.65 -13.34
N PRO A 4 32.80 -17.31 -12.53
CA PRO A 4 31.62 -17.91 -13.14
C PRO A 4 30.54 -16.85 -13.29
N GLN A 5 29.45 -17.26 -13.93
CA GLN A 5 28.33 -16.39 -14.13
C GLN A 5 27.41 -16.64 -13.00
N ILE A 6 26.94 -15.55 -12.43
CA ILE A 6 26.11 -15.57 -11.28
C ILE A 6 24.83 -14.94 -11.66
N ALA A 7 23.71 -15.56 -11.39
CA ALA A 7 22.40 -14.98 -11.78
C ALA A 7 21.97 -13.97 -10.70
N ALA A 8 22.53 -12.76 -10.74
CA ALA A 8 22.20 -11.78 -9.75
C ALA A 8 22.45 -10.42 -10.33
N LYS A 9 21.76 -9.39 -9.84
CA LYS A 9 21.95 -8.05 -10.38
C LYS A 9 23.32 -7.43 -10.00
N GLY A 10 23.84 -7.79 -8.85
CA GLY A 10 25.15 -7.33 -8.43
C GLY A 10 25.79 -8.31 -7.43
N TYR A 11 27.10 -8.45 -7.44
CA TYR A 11 27.73 -9.29 -6.44
C TYR A 11 29.15 -8.92 -6.24
N VAL A 12 29.67 -9.39 -5.11
CA VAL A 12 31.07 -9.24 -4.80
C VAL A 12 31.53 -10.43 -4.01
N LEU A 13 32.74 -10.88 -4.27
CA LEU A 13 33.32 -11.97 -3.53
C LEU A 13 34.60 -11.44 -3.02
N MET A 14 34.80 -11.51 -1.72
CA MET A 14 35.99 -10.94 -1.11
C MET A 14 36.70 -11.89 -0.20
N ASP A 15 38.01 -11.88 -0.31
CA ASP A 15 38.86 -12.63 0.61
C ASP A 15 38.82 -11.89 1.97
N TYR A 16 38.38 -12.56 3.02
CA TYR A 16 38.28 -11.96 4.32
C TYR A 16 39.60 -11.48 4.83
N HIS A 17 40.67 -12.24 4.61
CA HIS A 17 41.99 -11.87 5.16
C HIS A 17 42.57 -10.55 4.63
N SER A 18 42.76 -10.47 3.33
CA SER A 18 43.36 -9.28 2.70
C SER A 18 42.36 -8.25 2.30
N GLY A 19 41.10 -8.63 2.16
CA GLY A 19 40.07 -7.69 1.66
C GLY A 19 40.05 -7.58 0.15
N LYS A 20 40.83 -8.43 -0.50
CA LYS A 20 40.89 -8.44 -1.96
C LYS A 20 39.60 -8.98 -2.63
N VAL A 21 39.13 -8.27 -3.67
CA VAL A 21 37.96 -8.63 -4.43
C VAL A 21 38.38 -9.67 -5.45
N LEU A 22 37.80 -10.86 -5.39
CA LEU A 22 38.15 -11.95 -6.29
C LEU A 22 37.25 -11.96 -7.52
N ALA A 23 36.02 -11.48 -7.38
CA ALA A 23 35.09 -11.37 -8.51
C ALA A 23 34.04 -10.37 -8.12
N GLU A 24 33.38 -9.77 -9.10
CA GLU A 24 32.35 -8.80 -8.83
C GLU A 24 31.57 -8.41 -10.06
N LYS A 25 30.40 -7.86 -9.82
CA LYS A 25 29.54 -7.31 -10.85
C LYS A 25 28.78 -6.17 -10.19
N GLU A 26 28.81 -4.99 -10.80
CA GLU A 26 28.10 -3.83 -10.25
C GLU A 26 28.43 -3.59 -8.78
N MET A 27 29.68 -3.89 -8.45
CA MET A 27 30.20 -3.83 -7.10
C MET A 27 29.95 -2.50 -6.34
N ASP A 28 30.11 -1.40 -7.08
CA ASP A 28 29.95 -0.08 -6.50
C ASP A 28 28.69 0.61 -6.97
N THR A 29 27.72 -0.14 -7.49
CA THR A 29 26.52 0.59 -7.88
C THR A 29 25.43 0.50 -6.79
N LYS A 30 24.88 1.67 -6.50
CA LYS A 30 23.88 1.88 -5.46
C LYS A 30 22.60 1.13 -5.61
N LEU A 31 22.16 0.63 -4.47
CA LEU A 31 20.99 -0.18 -4.27
C LEU A 31 20.39 0.16 -2.93
N SER A 32 19.18 -0.34 -2.77
CA SER A 32 18.41 -0.22 -1.57
C SER A 32 18.75 -1.55 -0.83
N PRO A 33 19.41 -1.47 0.34
CA PRO A 33 19.88 -2.71 1.02
C PRO A 33 18.85 -3.45 1.85
N ALA A 34 17.78 -2.73 2.18
CA ALA A 34 16.67 -3.28 2.89
C ALA A 34 17.11 -3.94 4.17
N SER A 35 16.65 -5.14 4.39
CA SER A 35 16.91 -5.80 5.66
C SER A 35 18.42 -6.05 5.92
N LEU A 36 19.27 -5.86 4.92
CA LEU A 36 20.70 -6.06 5.15
C LEU A 36 21.20 -4.90 6.02
N THR A 37 20.40 -3.82 6.07
CA THR A 37 20.68 -2.68 6.97
C THR A 37 20.83 -3.17 8.43
N LYS A 38 20.22 -4.30 8.74
CA LYS A 38 20.28 -4.89 10.09
C LYS A 38 21.66 -5.29 10.47
N MET A 39 22.51 -5.55 9.47
CA MET A 39 23.91 -5.84 9.79
C MET A 39 24.56 -4.61 10.42
N MET A 40 24.18 -3.43 9.95
CA MET A 40 24.83 -2.21 10.49
C MET A 40 24.28 -1.99 11.90
N THR A 41 23.01 -2.27 12.09
CA THR A 41 22.39 -2.10 13.41
C THR A 41 23.05 -3.02 14.43
N SER A 42 23.26 -4.27 14.04
CA SER A 42 23.88 -5.23 14.94
C SER A 42 25.36 -4.85 15.15
N TYR A 43 25.99 -4.21 14.15
CA TYR A 43 27.38 -3.82 14.29
C TYR A 43 27.47 -2.78 15.41
N VAL A 44 26.63 -1.75 15.34
CA VAL A 44 26.63 -0.72 16.38
C VAL A 44 26.33 -1.32 17.76
N ILE A 45 25.30 -2.18 17.81
CA ILE A 45 24.97 -2.87 19.08
C ILE A 45 26.20 -3.65 19.61
N GLY A 46 26.93 -4.30 18.74
CA GLY A 46 28.11 -5.10 19.11
C GLY A 46 29.19 -4.20 19.71
N GLN A 47 29.39 -3.05 19.11
CA GLN A 47 30.36 -2.14 19.67
C GLN A 47 29.94 -1.66 21.03
N GLU A 48 28.65 -1.36 21.22
CA GLU A 48 28.17 -0.87 22.50
C GLU A 48 28.31 -1.91 23.57
N VAL A 49 28.05 -3.17 23.24
CA VAL A 49 28.21 -4.29 24.20
C VAL A 49 29.69 -4.47 24.54
N LYS A 50 30.60 -4.46 23.56
CA LYS A 50 32.03 -4.62 23.88
C LYS A 50 32.54 -3.55 24.77
N ARG A 51 32.14 -2.32 24.52
CA ARG A 51 32.63 -1.23 25.38
C ARG A 51 31.93 -1.17 26.71
N GLY A 52 30.92 -2.01 26.96
CA GLY A 52 30.24 -1.92 28.27
C GLY A 52 29.19 -0.81 28.41
N ASN A 53 28.73 -0.18 27.34
CA ASN A 53 27.69 0.88 27.48
C ASN A 53 26.34 0.29 27.69
N ILE A 54 26.12 -0.92 27.18
CA ILE A 54 24.88 -1.64 27.49
C ILE A 54 25.29 -3.07 27.87
N SER A 55 24.45 -3.76 28.63
CA SER A 55 24.69 -5.17 28.97
C SER A 55 23.59 -6.04 28.29
N LEU A 56 23.96 -7.26 27.98
CA LEU A 56 23.09 -8.25 27.43
C LEU A 56 21.92 -8.59 28.42
N ASN A 57 22.12 -8.32 29.70
CA ASN A 57 21.12 -8.57 30.75
C ASN A 57 20.19 -7.36 31.03
N ASP A 58 20.38 -6.21 30.37
CA ASP A 58 19.45 -5.08 30.59
C ASP A 58 18.08 -5.40 30.08
N ASP A 59 17.10 -4.82 30.75
CA ASP A 59 15.72 -4.91 30.41
C ASP A 59 15.46 -3.69 29.54
N VAL A 60 14.98 -3.90 28.34
CA VAL A 60 14.72 -2.81 27.47
C VAL A 60 13.26 -2.50 27.39
N VAL A 61 12.95 -1.22 27.52
CA VAL A 61 11.59 -0.73 27.39
C VAL A 61 11.17 -0.81 25.92
N ILE A 62 9.96 -1.27 25.68
CA ILE A 62 9.43 -1.34 24.36
C ILE A 62 8.49 -0.17 24.24
N SER A 63 8.83 0.79 23.38
CA SER A 63 8.00 2.02 23.22
C SER A 63 6.96 1.83 22.12
N LYS A 64 6.17 2.89 21.95
CA LYS A 64 5.15 3.03 20.90
C LYS A 64 5.76 2.79 19.52
N ASN A 65 7.01 3.20 19.34
CA ASN A 65 7.68 3.11 18.06
C ASN A 65 8.14 1.72 17.71
N ALA A 66 8.40 0.90 18.72
CA ALA A 66 8.74 -0.47 18.52
C ALA A 66 7.46 -1.42 18.41
N TRP A 67 6.28 -0.86 18.61
CA TRP A 67 5.04 -1.60 18.58
C TRP A 67 4.87 -2.36 17.25
N ALA A 68 4.62 -3.65 17.41
CA ALA A 68 4.39 -4.57 16.30
C ALA A 68 3.44 -3.96 15.29
N LYS A 69 2.48 -3.20 15.81
CA LYS A 69 1.49 -2.51 15.01
C LYS A 69 2.07 -1.62 13.92
N ASN A 70 3.29 -1.13 14.12
CA ASN A 70 3.93 -0.26 13.10
C ASN A 70 4.51 -1.05 11.92
N PHE A 71 4.64 -2.37 12.06
CA PHE A 71 5.27 -3.18 11.01
C PHE A 71 4.39 -4.29 10.46
N PRO A 72 3.34 -3.89 9.74
CA PRO A 72 2.46 -4.89 9.17
C PRO A 72 3.11 -5.42 7.88
N ASP A 73 2.96 -6.67 7.56
CA ASP A 73 3.57 -7.20 6.30
C ASP A 73 5.08 -7.46 6.32
N SER A 74 5.80 -7.12 7.41
CA SER A 74 7.22 -7.36 7.51
C SER A 74 7.54 -8.19 8.75
N SER A 75 8.70 -8.74 8.76
CA SER A 75 9.15 -9.60 9.79
C SER A 75 9.24 -8.84 11.14
N LYS A 76 8.78 -9.55 12.19
CA LYS A 76 8.72 -9.07 13.56
C LYS A 76 9.10 -10.10 14.59
N MET A 77 9.62 -9.60 15.72
CA MET A 77 9.92 -10.46 16.86
C MET A 77 8.64 -10.66 17.70
N PHE A 78 7.70 -9.72 17.51
CA PHE A 78 6.42 -9.67 18.18
C PHE A 78 6.50 -9.10 19.59
N VAL A 79 7.12 -7.93 19.64
CA VAL A 79 7.33 -7.26 20.88
C VAL A 79 6.15 -6.35 21.22
N GLU A 80 5.79 -6.29 22.50
CA GLU A 80 4.67 -5.43 22.99
C GLU A 80 5.01 -4.19 23.80
N VAL A 81 4.34 -3.10 23.48
CA VAL A 81 4.56 -1.82 24.17
C VAL A 81 4.29 -1.97 25.66
N GLY A 82 5.06 -1.25 26.46
CA GLY A 82 4.94 -1.29 27.92
C GLY A 82 5.52 -2.49 28.63
N THR A 83 6.09 -3.43 27.89
CA THR A 83 6.76 -4.55 28.50
C THR A 83 8.24 -4.27 28.37
N THR A 84 9.04 -5.16 28.96
CA THR A 84 10.45 -5.09 28.77
C THR A 84 10.91 -6.41 28.18
N VAL A 85 12.02 -6.33 27.45
CA VAL A 85 12.65 -7.48 26.84
C VAL A 85 14.17 -7.33 27.09
N LYS A 86 14.85 -8.44 27.29
CA LYS A 86 16.29 -8.41 27.46
C LYS A 86 17.03 -8.09 26.17
N VAL A 87 18.17 -7.41 26.30
CA VAL A 87 19.05 -7.05 25.18
C VAL A 87 19.45 -8.28 24.36
N SER A 88 19.87 -9.36 25.00
CA SER A 88 20.22 -10.55 24.20
C SER A 88 19.08 -11.07 23.35
N ASP A 89 17.86 -10.97 23.84
CA ASP A 89 16.70 -11.45 23.16
C ASP A 89 16.35 -10.52 22.00
N LEU A 90 16.39 -9.21 22.22
CA LEU A 90 16.14 -8.30 21.11
C LEU A 90 17.18 -8.50 19.97
N ASN A 91 18.44 -8.68 20.38
CA ASN A 91 19.52 -8.94 19.43
C ASN A 91 19.26 -10.10 18.51
N ARG A 92 18.88 -11.22 19.10
CA ARG A 92 18.49 -12.40 18.32
C ARG A 92 17.28 -12.12 17.49
N GLY A 93 16.34 -11.33 17.99
CA GLY A 93 15.20 -10.99 17.12
C GLY A 93 15.61 -10.26 15.87
N ILE A 94 16.59 -9.38 16.06
CA ILE A 94 17.13 -8.66 14.93
C ILE A 94 17.87 -9.59 13.93
N ILE A 95 18.80 -10.35 14.47
CA ILE A 95 19.69 -11.12 13.68
C ILE A 95 19.07 -12.38 13.09
N ILE A 96 18.42 -13.16 13.91
CA ILE A 96 17.86 -14.39 13.46
C ILE A 96 16.50 -14.23 12.81
N GLN A 97 15.65 -13.44 13.43
CA GLN A 97 14.27 -13.29 12.97
C GLN A 97 14.14 -12.09 12.05
N SER A 98 15.13 -11.20 12.00
CA SER A 98 15.05 -10.04 11.12
C SER A 98 13.87 -9.18 11.55
N GLY A 99 13.66 -9.06 12.85
CA GLY A 99 12.50 -8.30 13.34
C GLY A 99 12.69 -6.79 13.35
N ASN A 100 11.90 -6.07 12.58
CA ASN A 100 11.98 -4.62 12.53
C ASN A 100 11.67 -3.94 13.85
N ASP A 101 10.68 -4.50 14.58
CA ASP A 101 10.28 -4.01 15.90
C ASP A 101 11.49 -4.00 16.86
N ALA A 102 12.21 -5.13 16.87
CA ALA A 102 13.37 -5.25 17.76
C ALA A 102 14.48 -4.26 17.38
N CYS A 103 14.58 -3.93 16.08
CA CYS A 103 15.58 -2.94 15.62
C CYS A 103 15.33 -1.60 16.24
N VAL A 104 14.08 -1.18 16.20
CA VAL A 104 13.75 0.13 16.76
C VAL A 104 13.91 0.15 18.27
N ALA A 105 13.58 -0.95 18.95
CA ALA A 105 13.75 -0.98 20.40
C ALA A 105 15.19 -0.88 20.81
N MET A 106 16.07 -1.58 20.11
CA MET A 106 17.53 -1.48 20.44
C MET A 106 18.08 -0.11 20.08
N ALA A 107 17.61 0.43 18.96
CA ALA A 107 18.04 1.74 18.54
C ALA A 107 17.80 2.76 19.65
N GLU A 108 16.59 2.68 20.21
CA GLU A 108 16.20 3.57 21.28
C GLU A 108 16.97 3.30 22.57
N HIS A 109 17.19 2.03 22.89
CA HIS A 109 17.91 1.70 24.13
C HIS A 109 19.37 2.22 24.04
N VAL A 110 19.94 2.14 22.84
CA VAL A 110 21.31 2.56 22.64
C VAL A 110 21.50 4.08 22.57
N ALA A 111 20.70 4.77 21.78
CA ALA A 111 20.87 6.21 21.58
C ALA A 111 19.67 7.11 21.86
N GLY A 112 18.66 6.62 22.61
CA GLY A 112 17.48 7.40 22.97
C GLY A 112 16.42 7.44 21.90
N THR A 113 16.81 7.78 20.67
CA THR A 113 15.86 7.90 19.59
C THR A 113 16.41 7.20 18.37
N GLU A 114 15.52 6.79 17.46
CA GLU A 114 15.98 6.14 16.26
C GLU A 114 16.92 7.03 15.48
N ASP A 115 16.66 8.33 15.42
CA ASP A 115 17.47 9.26 14.65
C ASP A 115 18.92 9.30 15.13
N ALA A 116 19.12 9.41 16.44
CA ALA A 116 20.48 9.45 16.95
C ALA A 116 21.14 8.13 16.69
N PHE A 117 20.39 7.04 16.76
CA PHE A 117 21.01 5.69 16.48
C PHE A 117 21.51 5.69 15.05
N VAL A 118 20.73 6.28 14.15
CA VAL A 118 21.11 6.42 12.74
C VAL A 118 22.41 7.26 12.61
N ASP A 119 22.55 8.29 13.42
CA ASP A 119 23.82 9.06 13.42
C ASP A 119 24.98 8.11 13.73
N LEU A 120 24.87 7.30 14.78
CA LEU A 120 25.96 6.34 15.04
C LEU A 120 26.15 5.37 13.85
N MET A 121 25.06 4.91 13.22
CA MET A 121 25.19 4.00 12.10
C MET A 121 26.05 4.60 11.01
N ASN A 122 25.77 5.82 10.58
CA ASN A 122 26.56 6.47 9.52
C ASN A 122 27.95 6.82 9.96
N ALA A 123 28.15 7.15 11.22
CA ALA A 123 29.53 7.46 11.66
C ALA A 123 30.32 6.15 11.58
N TRP A 124 29.73 5.03 12.00
CA TRP A 124 30.48 3.76 11.86
C TRP A 124 30.70 3.36 10.41
N ALA A 125 29.70 3.58 9.57
CA ALA A 125 29.81 3.24 8.15
C ALA A 125 30.98 3.99 7.55
N SER A 126 31.09 5.26 7.94
CA SER A 126 32.19 6.05 7.43
C SER A 126 33.57 5.52 7.90
N SER A 127 33.70 5.21 9.17
CA SER A 127 34.97 4.74 9.69
C SER A 127 35.31 3.35 9.16
N LEU A 128 34.32 2.62 8.63
CA LEU A 128 34.61 1.34 8.04
C LEU A 128 34.94 1.47 6.55
N GLY A 129 34.87 2.66 5.92
CA GLY A 129 35.18 2.75 4.48
C GLY A 129 34.00 2.43 3.53
N MET A 130 32.81 2.52 4.07
CA MET A 130 31.58 2.35 3.28
C MET A 130 31.22 3.74 2.71
N LYS A 131 32.02 4.21 1.78
CA LYS A 131 31.85 5.55 1.20
C LYS A 131 30.64 5.71 0.29
N ASN A 132 29.97 4.62 -0.08
CA ASN A 132 28.78 4.71 -0.91
C ASN A 132 27.55 4.17 -0.20
N SER A 133 27.49 4.39 1.10
CA SER A 133 26.37 3.95 1.90
C SER A 133 25.81 5.06 2.76
N HIS A 134 24.50 5.07 2.94
CA HIS A 134 23.91 6.02 3.85
C HIS A 134 22.63 5.40 4.42
N PHE A 135 22.46 5.50 5.72
CA PHE A 135 21.30 4.95 6.38
C PHE A 135 20.36 6.03 6.92
N THR A 136 19.05 5.74 6.88
CA THR A 136 18.01 6.62 7.41
C THR A 136 17.21 6.01 8.56
N ASN A 137 17.38 4.74 8.83
CA ASN A 137 16.67 4.13 9.91
C ASN A 137 17.44 2.87 10.35
N SER A 138 17.02 2.24 11.45
CA SER A 138 17.68 1.07 11.98
C SER A 138 17.24 -0.29 11.40
N HIS A 139 16.27 -0.31 10.47
CA HIS A 139 15.77 -1.62 9.98
C HIS A 139 15.83 -1.89 8.49
N GLY A 140 15.90 -0.85 7.67
CA GLY A 140 15.97 -1.02 6.23
C GLY A 140 14.73 -0.72 5.38
N LEU A 141 13.61 -0.35 5.96
CA LEU A 141 12.42 -0.09 5.10
C LEU A 141 12.76 1.08 4.24
N ASP A 142 12.38 1.02 2.96
CA ASP A 142 12.65 2.05 1.95
C ASP A 142 12.61 3.51 2.16
N ASP A 143 13.60 4.15 1.57
CA ASP A 143 13.78 5.58 1.70
C ASP A 143 14.71 6.00 0.57
N PRO A 144 14.41 7.11 -0.11
CA PRO A 144 15.31 7.56 -1.16
C PRO A 144 16.77 7.67 -0.69
N ASN A 145 16.99 8.14 0.54
CA ASN A 145 18.34 8.30 1.10
C ASN A 145 18.93 7.14 1.87
N LEU A 146 18.32 5.97 1.74
CA LEU A 146 18.84 4.74 2.39
C LEU A 146 19.41 3.93 1.25
N TYR A 147 20.72 3.80 1.21
CA TYR A 147 21.36 3.05 0.12
C TYR A 147 22.73 2.52 0.50
N SER A 148 23.17 1.52 -0.23
CA SER A 148 24.49 0.97 -0.03
C SER A 148 24.91 0.36 -1.34
N THR A 149 25.97 -0.46 -1.29
CA THR A 149 26.50 -1.15 -2.48
C THR A 149 26.99 -2.52 -2.04
N PRO A 150 27.05 -3.47 -3.01
CA PRO A 150 27.55 -4.79 -2.67
C PRO A 150 28.92 -4.75 -2.02
N TYR A 151 29.79 -3.89 -2.53
CA TYR A 151 31.12 -3.80 -1.97
C TYR A 151 31.05 -3.31 -0.53
N ASP A 152 30.30 -2.24 -0.28
CA ASP A 152 30.16 -1.73 1.09
C ASP A 152 29.55 -2.76 2.03
N LEU A 153 28.56 -3.49 1.54
CA LEU A 153 27.96 -4.54 2.34
C LEU A 153 28.98 -5.66 2.65
N ALA A 154 29.92 -5.92 1.73
CA ALA A 154 30.94 -6.89 1.99
C ALA A 154 31.86 -6.40 3.11
N LEU A 155 32.24 -5.12 3.04
CA LEU A 155 33.08 -4.54 4.09
C LEU A 155 32.35 -4.68 5.41
N LEU A 156 31.03 -4.49 5.40
CA LEU A 156 30.28 -4.55 6.63
C LEU A 156 30.25 -5.96 7.21
N GLY A 157 30.02 -6.92 6.34
CA GLY A 157 30.01 -8.34 6.78
C GLY A 157 31.39 -8.67 7.37
N GLN A 158 32.46 -8.28 6.66
CA GLN A 158 33.82 -8.52 7.10
C GLN A 158 34.06 -7.88 8.47
N ALA A 159 33.62 -6.64 8.63
CA ALA A 159 33.79 -5.91 9.91
C ALA A 159 33.06 -6.57 11.06
N LEU A 160 31.91 -7.16 10.77
CA LEU A 160 31.17 -7.86 11.81
C LEU A 160 32.00 -9.02 12.36
N ILE A 161 32.53 -9.82 11.47
CA ILE A 161 33.37 -10.96 11.88
C ILE A 161 34.64 -10.48 12.51
N ARG A 162 35.20 -9.42 11.97
CA ARG A 162 36.48 -8.94 12.49
C ARG A 162 36.46 -8.20 13.77
N ASP A 163 35.49 -7.31 13.94
CA ASP A 163 35.51 -6.35 15.10
C ASP A 163 34.55 -6.71 16.21
N VAL A 164 33.44 -7.38 15.87
CA VAL A 164 32.43 -7.80 16.90
C VAL A 164 32.11 -9.33 16.86
N PRO A 165 33.13 -10.15 17.13
CA PRO A 165 32.94 -11.66 17.03
C PRO A 165 31.78 -12.23 17.85
N GLU A 166 31.54 -11.69 19.03
CA GLU A 166 30.43 -12.11 19.91
C GLU A 166 29.12 -11.80 19.29
N GLU A 167 29.10 -10.74 18.50
CA GLU A 167 27.87 -10.44 17.81
C GLU A 167 27.78 -11.38 16.63
N TYR A 168 28.91 -11.58 15.90
CA TYR A 168 28.90 -12.42 14.68
C TYR A 168 28.51 -13.85 14.94
N ALA A 169 28.85 -14.36 16.11
CA ALA A 169 28.52 -15.77 16.43
C ALA A 169 27.04 -16.01 16.36
N ILE A 170 26.29 -14.96 16.64
CA ILE A 170 24.85 -15.12 16.68
C ILE A 170 24.24 -15.41 15.28
N TYR A 171 24.95 -15.09 14.19
CA TYR A 171 24.44 -15.25 12.86
C TYR A 171 24.34 -16.73 12.42
N SER A 172 24.98 -17.62 13.18
CA SER A 172 24.90 -19.03 12.82
C SER A 172 23.86 -19.75 13.61
N GLU A 173 23.13 -19.05 14.48
CA GLU A 173 22.01 -19.65 15.22
C GLU A 173 20.88 -19.80 14.20
N GLN A 174 20.29 -20.97 14.16
CA GLN A 174 19.28 -21.33 13.15
C GLN A 174 17.87 -20.95 13.46
N LYS A 175 17.62 -20.69 14.74
CA LYS A 175 16.27 -20.31 15.11
C LYS A 175 16.23 -19.60 16.44
N PHE A 176 15.09 -19.00 16.69
CA PHE A 176 14.91 -18.28 17.93
C PHE A 176 13.44 -18.21 18.18
N THR A 177 13.10 -18.46 19.43
CA THR A 177 11.77 -18.38 19.96
C THR A 177 11.61 -17.18 20.93
N TYR A 178 10.55 -16.41 20.72
CA TYR A 178 10.15 -15.34 21.60
C TYR A 178 8.62 -15.36 21.73
N ASN A 179 8.17 -15.39 22.99
CA ASN A 179 6.80 -15.37 23.32
C ASN A 179 6.02 -16.54 22.65
N GLY A 180 6.65 -17.71 22.56
CA GLY A 180 6.02 -18.90 22.02
C GLY A 180 5.92 -18.89 20.53
N ILE A 181 6.63 -17.98 19.89
CA ILE A 181 6.72 -17.86 18.44
C ILE A 181 8.16 -18.16 18.00
N THR A 182 8.33 -19.27 17.27
CA THR A 182 9.62 -19.74 16.78
C THR A 182 9.78 -19.34 15.35
N GLN A 183 10.91 -18.71 15.02
CA GLN A 183 11.19 -18.29 13.65
C GLN A 183 12.59 -18.79 13.32
N TYR A 184 12.76 -19.20 12.08
CA TYR A 184 14.00 -19.69 11.55
C TYR A 184 14.84 -18.64 10.89
N ASN A 185 16.14 -18.85 10.99
CA ASN A 185 17.08 -18.04 10.28
C ASN A 185 16.88 -18.38 8.81
N ARG A 186 16.61 -17.38 7.98
CA ARG A 186 16.38 -17.51 6.54
C ARG A 186 17.64 -17.79 5.73
N ASN A 187 18.84 -17.76 6.35
CA ASN A 187 20.03 -18.15 5.61
C ASN A 187 20.14 -19.70 5.55
N GLY A 188 19.55 -20.26 4.52
CA GLY A 188 19.49 -21.70 4.29
C GLY A 188 20.85 -22.37 4.17
N LEU A 189 21.86 -21.60 3.75
CA LEU A 189 23.20 -22.15 3.67
C LEU A 189 23.76 -22.62 4.99
N LEU A 190 23.16 -22.18 6.10
CA LEU A 190 23.59 -22.64 7.43
C LEU A 190 23.38 -24.16 7.59
N TRP A 191 22.46 -24.74 6.81
CA TRP A 191 22.13 -26.16 6.87
C TRP A 191 22.93 -27.01 5.87
N ASP A 192 23.68 -26.37 4.98
CA ASP A 192 24.47 -27.09 4.00
C ASP A 192 25.63 -27.82 4.69
N LYS A 193 25.63 -29.13 4.55
CA LYS A 193 26.65 -29.99 5.16
C LYS A 193 28.00 -30.02 4.48
N SER A 194 28.04 -29.80 3.17
CA SER A 194 29.30 -29.76 2.43
C SER A 194 30.13 -28.50 2.70
N MET A 195 29.54 -27.46 3.27
CA MET A 195 30.22 -26.16 3.49
C MET A 195 30.09 -25.65 4.91
N ASN A 196 31.04 -24.82 5.34
CA ASN A 196 31.02 -24.22 6.65
C ASN A 196 30.67 -22.73 6.51
N VAL A 197 29.40 -22.48 6.26
CA VAL A 197 28.81 -21.16 6.15
C VAL A 197 28.29 -20.82 7.53
N ASP A 198 28.78 -19.73 8.10
CA ASP A 198 28.40 -19.34 9.45
C ASP A 198 27.78 -17.91 9.50
N GLY A 199 27.37 -17.39 8.36
CA GLY A 199 26.71 -16.12 8.27
C GLY A 199 26.34 -15.83 6.82
N ILE A 200 25.78 -14.66 6.52
CA ILE A 200 25.54 -13.63 7.51
C ILE A 200 24.07 -13.22 7.55
N LYS A 201 23.59 -12.52 6.54
CA LYS A 201 22.26 -11.99 6.61
C LYS A 201 21.59 -12.00 5.27
N THR A 202 20.34 -12.16 5.35
CA THR A 202 19.47 -12.29 4.24
C THR A 202 18.56 -11.04 4.08
N GLY A 203 18.06 -10.80 2.89
CA GLY A 203 17.11 -9.69 2.69
C GLY A 203 16.49 -9.66 1.34
N HIS A 204 15.54 -8.75 1.13
CA HIS A 204 14.89 -8.60 -0.19
C HIS A 204 14.77 -7.10 -0.53
N THR A 205 15.00 -6.74 -1.78
CA THR A 205 14.88 -5.33 -2.26
C THR A 205 13.78 -5.37 -3.30
N SER A 206 12.65 -4.73 -3.01
CA SER A 206 11.42 -4.96 -3.78
C SER A 206 11.42 -4.97 -5.33
N GLY A 207 12.16 -4.07 -5.99
CA GLY A 207 12.18 -4.14 -7.47
C GLY A 207 13.31 -4.98 -8.05
N ALA A 208 14.25 -5.42 -7.20
CA ALA A 208 15.47 -6.15 -7.62
C ALA A 208 15.49 -7.64 -7.32
N GLY A 209 15.21 -8.02 -6.07
CA GLY A 209 15.12 -9.44 -5.71
C GLY A 209 15.69 -9.83 -4.37
N TYR A 210 16.02 -11.10 -4.21
CA TYR A 210 16.57 -11.62 -3.00
C TYR A 210 18.05 -11.43 -2.89
N ASN A 211 18.46 -11.07 -1.66
CA ASN A 211 19.83 -10.84 -1.36
C ASN A 211 20.38 -11.75 -0.27
N LEU A 212 21.70 -11.97 -0.33
CA LEU A 212 22.40 -12.64 0.73
C LEU A 212 23.81 -12.14 0.91
N VAL A 213 24.19 -11.88 2.15
CA VAL A 213 25.58 -11.59 2.52
C VAL A 213 26.00 -12.87 3.24
N SER A 214 26.98 -13.60 2.70
CA SER A 214 27.41 -14.83 3.33
C SER A 214 28.88 -14.83 3.66
N SER A 215 29.31 -15.73 4.57
CA SER A 215 30.69 -15.92 4.84
C SER A 215 30.87 -17.40 5.12
N ALA A 216 32.04 -17.96 4.79
CA ALA A 216 32.32 -19.34 4.99
C ALA A 216 33.78 -19.56 5.13
N THR A 217 34.11 -20.70 5.72
CA THR A 217 35.49 -21.09 5.89
C THR A 217 35.72 -22.47 5.30
N GLU A 218 36.98 -22.72 4.95
CA GLU A 218 37.45 -24.03 4.39
C GLU A 218 38.96 -23.98 4.58
N GLY A 219 39.46 -24.88 5.41
CA GLY A 219 40.86 -24.86 5.73
C GLY A 219 41.19 -23.55 6.41
N ASN A 220 42.26 -22.91 5.94
CA ASN A 220 42.65 -21.62 6.46
C ASN A 220 42.05 -20.47 5.72
N MET A 221 41.04 -20.74 4.89
CA MET A 221 40.43 -19.67 4.13
C MET A 221 39.12 -19.19 4.70
N ARG A 222 38.85 -17.91 4.49
CA ARG A 222 37.57 -17.33 4.84
C ARG A 222 37.22 -16.36 3.76
N LEU A 223 35.99 -16.53 3.27
CA LEU A 223 35.48 -15.65 2.24
C LEU A 223 34.25 -14.97 2.68
N VAL A 224 34.02 -13.78 2.13
CA VAL A 224 32.78 -13.04 2.34
C VAL A 224 32.19 -12.83 0.94
N ALA A 225 30.94 -13.20 0.75
CA ALA A 225 30.23 -13.00 -0.53
C ALA A 225 28.93 -12.24 -0.34
N VAL A 226 28.65 -11.39 -1.32
CA VAL A 226 27.40 -10.65 -1.31
C VAL A 226 26.74 -10.89 -2.67
N VAL A 227 25.47 -11.26 -2.64
CA VAL A 227 24.69 -11.50 -3.89
C VAL A 227 23.44 -10.68 -3.75
N MET A 228 23.17 -9.83 -4.73
CA MET A 228 21.99 -8.97 -4.68
C MET A 228 21.12 -9.16 -5.88
N GLY A 229 19.83 -9.25 -5.63
CA GLY A 229 18.89 -9.33 -6.71
C GLY A 229 18.78 -10.63 -7.44
N THR A 230 18.65 -11.74 -6.71
CA THR A 230 18.39 -13.08 -7.30
C THR A 230 16.89 -13.25 -7.42
N ASP A 231 16.47 -14.09 -8.34
CA ASP A 231 15.05 -14.30 -8.56
C ASP A 231 14.23 -15.07 -7.51
N ASN A 232 14.83 -15.86 -6.64
CA ASN A 232 14.06 -16.62 -5.65
C ASN A 232 15.00 -17.15 -4.63
N GLU A 233 14.45 -17.67 -3.54
CA GLU A 233 15.26 -18.16 -2.44
C GLU A 233 16.23 -19.26 -2.86
N ASN A 234 15.84 -20.14 -3.78
CA ASN A 234 16.75 -21.21 -4.22
C ASN A 234 17.96 -20.69 -4.95
N ALA A 235 17.75 -19.69 -5.81
CA ALA A 235 18.81 -19.07 -6.51
C ALA A 235 19.71 -18.33 -5.50
N ARG A 236 19.13 -17.60 -4.56
CA ARG A 236 19.96 -16.91 -3.56
C ARG A 236 21.01 -17.92 -2.91
N LYS A 237 20.55 -19.11 -2.56
CA LYS A 237 21.47 -20.09 -2.00
C LYS A 237 22.44 -20.61 -3.04
N ALA A 238 21.93 -21.11 -4.17
CA ALA A 238 22.81 -21.68 -5.19
C ALA A 238 23.85 -20.72 -5.73
N GLU A 239 23.50 -19.48 -6.00
CA GLU A 239 24.45 -18.58 -6.57
C GLU A 239 25.50 -18.22 -5.53
N SER A 240 25.11 -18.11 -4.28
CA SER A 240 26.09 -17.81 -3.23
C SER A 240 27.05 -18.96 -3.06
N LYS A 241 26.52 -20.18 -3.14
CA LYS A 241 27.35 -21.39 -2.99
C LYS A 241 28.34 -21.43 -4.16
N LYS A 242 27.91 -21.08 -5.38
CA LYS A 242 28.83 -21.10 -6.54
C LYS A 242 29.90 -20.06 -6.33
N LEU A 243 29.49 -18.88 -5.96
CA LEU A 243 30.42 -17.81 -5.75
C LEU A 243 31.45 -18.23 -4.75
N LEU A 244 31.01 -18.79 -3.64
CA LEU A 244 31.94 -19.20 -2.58
C LEU A 244 32.86 -20.34 -3.02
N SER A 245 32.33 -21.38 -3.67
CA SER A 245 33.17 -22.49 -4.13
C SER A 245 34.25 -22.02 -5.06
N TYR A 246 33.91 -21.10 -5.95
CA TYR A 246 34.88 -20.55 -6.85
C TYR A 246 36.02 -19.89 -6.03
N GLY A 247 35.69 -19.16 -5.01
CA GLY A 247 36.72 -18.50 -4.21
C GLY A 247 37.65 -19.52 -3.54
N PHE A 248 37.08 -20.62 -3.05
CA PHE A 248 37.89 -21.64 -2.37
C PHE A 248 38.83 -22.30 -3.34
N ARG A 249 38.35 -22.50 -4.56
CA ARG A 249 39.15 -23.04 -5.64
C ARG A 249 40.15 -22.00 -6.22
N PHE A 250 39.84 -20.72 -6.16
CA PHE A 250 40.71 -19.64 -6.71
C PHE A 250 42.12 -19.66 -6.17
N PHE A 251 42.23 -19.80 -4.86
CA PHE A 251 43.55 -19.83 -4.27
C PHE A 251 44.29 -21.13 -4.63
N GLU A 252 43.52 -22.17 -4.89
CA GLU A 252 44.07 -23.47 -5.27
C GLU A 252 45.20 -23.92 -4.36
N ALA B 3 -24.66 -15.38 25.90
CA ALA B 3 -23.57 -15.51 24.91
C ALA B 3 -22.33 -15.87 25.69
N PRO B 4 -21.46 -16.73 25.15
CA PRO B 4 -20.27 -17.07 25.91
C PRO B 4 -19.22 -16.00 25.74
N GLN B 5 -18.11 -16.17 26.44
CA GLN B 5 -17.00 -15.25 26.37
C GLN B 5 -16.09 -15.87 25.36
N ILE B 6 -15.63 -15.01 24.49
CA ILE B 6 -14.80 -15.37 23.39
C ILE B 6 -13.55 -14.55 23.59
N ALA B 7 -12.39 -15.19 23.55
CA ALA B 7 -11.13 -14.44 23.70
C ALA B 7 -10.74 -13.86 22.33
N ALA B 8 -11.28 -12.72 22.01
CA ALA B 8 -10.93 -12.09 20.73
C ALA B 8 -11.12 -10.60 20.90
N LYS B 9 -10.43 -9.81 20.10
CA LYS B 9 -10.59 -8.35 20.19
C LYS B 9 -11.97 -7.90 19.60
N GLY B 10 -12.47 -8.63 18.61
CA GLY B 10 -13.73 -8.29 18.00
C GLY B 10 -14.32 -9.51 17.32
N TYR B 11 -15.65 -9.69 17.36
CA TYR B 11 -16.24 -10.83 16.72
C TYR B 11 -17.69 -10.62 16.42
N VAL B 12 -18.19 -11.45 15.52
CA VAL B 12 -19.59 -11.46 15.15
C VAL B 12 -20.02 -12.87 14.81
N LEU B 13 -21.24 -13.23 15.22
CA LEU B 13 -21.82 -14.50 14.91
C LEU B 13 -23.10 -14.15 14.21
N MET B 14 -23.30 -14.68 13.01
CA MET B 14 -24.48 -14.34 12.24
C MET B 14 -25.16 -15.56 11.68
N ASP B 15 -26.48 -15.55 11.77
CA ASP B 15 -27.31 -16.58 11.11
C ASP B 15 -27.26 -16.31 9.60
N TYR B 16 -26.77 -17.27 8.83
CA TYR B 16 -26.70 -17.15 7.40
C TYR B 16 -28.05 -16.87 6.76
N HIS B 17 -29.10 -17.51 7.20
CA HIS B 17 -30.43 -17.34 6.54
C HIS B 17 -31.03 -15.92 6.64
N SER B 18 -31.23 -15.47 7.85
CA SER B 18 -31.84 -14.14 8.09
C SER B 18 -30.87 -13.00 8.13
N GLY B 19 -29.59 -13.29 8.33
CA GLY B 19 -28.59 -12.23 8.50
C GLY B 19 -28.58 -11.62 9.91
N LYS B 20 -29.36 -12.19 10.81
CA LYS B 20 -29.45 -11.74 12.17
C LYS B 20 -28.16 -12.05 13.00
N VAL B 21 -27.70 -11.03 13.75
CA VAL B 21 -26.51 -11.14 14.57
C VAL B 21 -26.92 -11.78 15.88
N LEU B 22 -26.31 -12.92 16.21
CA LEU B 22 -26.63 -13.63 17.43
C LEU B 22 -25.74 -13.22 18.59
N ALA B 23 -24.52 -12.80 18.32
CA ALA B 23 -23.60 -12.31 19.35
C ALA B 23 -22.52 -11.49 18.65
N GLU B 24 -21.90 -10.58 19.40
CA GLU B 24 -20.89 -9.73 18.82
C GLU B 24 -20.12 -8.93 19.84
N LYS B 25 -18.96 -8.45 19.43
CA LYS B 25 -18.13 -7.57 20.23
C LYS B 25 -17.39 -6.69 19.22
N GLU B 26 -17.48 -5.38 19.38
CA GLU B 26 -16.78 -4.46 18.47
C GLU B 26 -17.05 -4.79 17.01
N MET B 27 -18.29 -5.19 16.79
CA MET B 27 -18.80 -5.62 15.48
C MET B 27 -18.51 -4.65 14.32
N ASP B 28 -18.66 -3.36 14.62
CA ASP B 28 -18.50 -2.32 13.62
C ASP B 28 -17.24 -1.52 13.83
N THR B 29 -16.26 -2.06 14.54
CA THR B 29 -15.05 -1.26 14.73
C THR B 29 -13.94 -1.67 13.78
N LYS B 30 -13.41 -0.65 13.11
CA LYS B 30 -12.40 -0.80 12.05
C LYS B 30 -11.13 -1.49 12.43
N LEU B 31 -10.72 -2.33 11.51
CA LEU B 31 -9.54 -3.17 11.57
C LEU B 31 -8.95 -3.24 10.19
N SER B 32 -7.75 -3.74 10.21
CA SER B 32 -6.96 -3.94 9.04
C SER B 32 -7.25 -5.43 8.75
N PRO B 33 -7.87 -5.77 7.60
CA PRO B 33 -8.23 -7.16 7.32
C PRO B 33 -7.14 -8.08 6.82
N ALA B 34 -6.09 -7.47 6.29
CA ALA B 34 -4.96 -8.19 5.73
C ALA B 34 -5.41 -9.27 4.76
N SER B 35 -4.95 -10.48 4.96
CA SER B 35 -5.26 -11.53 4.01
C SER B 35 -6.77 -11.85 3.87
N LEU B 36 -7.60 -11.30 4.74
CA LEU B 36 -9.05 -11.54 4.61
C LEU B 36 -9.55 -10.79 3.40
N THR B 37 -8.74 -9.80 2.97
CA THR B 37 -9.03 -9.04 1.74
C THR B 37 -9.23 -10.02 0.55
N LYS B 38 -8.58 -11.19 0.64
CA LYS B 38 -8.66 -12.17 -0.45
C LYS B 38 -10.04 -12.70 -0.67
N MET B 39 -10.85 -12.67 0.39
CA MET B 39 -12.25 -13.06 0.17
C MET B 39 -12.94 -12.13 -0.83
N MET B 40 -12.60 -10.84 -0.76
CA MET B 40 -13.28 -9.87 -1.66
C MET B 40 -12.79 -10.11 -3.08
N THR B 41 -11.50 -10.41 -3.21
CA THR B 41 -10.90 -10.66 -4.50
C THR B 41 -11.54 -11.86 -5.14
N SER B 42 -11.70 -12.94 -4.37
CA SER B 42 -12.34 -14.13 -4.92
C SER B 42 -13.79 -13.89 -5.21
N TYR B 43 -14.42 -12.98 -4.48
CA TYR B 43 -15.83 -12.68 -4.74
C TYR B 43 -15.93 -12.06 -6.13
N VAL B 44 -15.11 -11.07 -6.41
CA VAL B 44 -15.17 -10.37 -7.74
C VAL B 44 -14.82 -11.39 -8.84
N ILE B 45 -13.80 -12.24 -8.61
CA ILE B 45 -13.49 -13.30 -9.57
C ILE B 45 -14.70 -14.20 -9.84
N GLY B 46 -15.40 -14.56 -8.77
CA GLY B 46 -16.59 -15.45 -8.89
C GLY B 46 -17.66 -14.77 -9.73
N GLN B 47 -17.85 -13.48 -9.51
CA GLN B 47 -18.85 -12.80 -10.34
C GLN B 47 -18.45 -12.75 -11.79
N GLU B 48 -17.17 -12.52 -12.07
CA GLU B 48 -16.70 -12.46 -13.46
C GLU B 48 -16.85 -13.80 -14.14
N VAL B 49 -16.58 -14.88 -13.42
CA VAL B 49 -16.79 -16.24 -13.97
C VAL B 49 -18.26 -16.48 -14.24
N LYS B 50 -19.14 -16.18 -13.30
CA LYS B 50 -20.59 -16.37 -13.56
C LYS B 50 -21.10 -15.59 -14.73
N ARG B 51 -20.65 -14.37 -14.88
CA ARG B 51 -21.12 -13.54 -16.00
C ARG B 51 -20.46 -13.93 -17.32
N GLY B 52 -19.49 -14.85 -17.31
CA GLY B 52 -18.85 -15.22 -18.58
C GLY B 52 -17.79 -14.26 -19.09
N ASN B 53 -17.29 -13.31 -18.28
CA ASN B 53 -16.25 -12.41 -18.75
C ASN B 53 -14.91 -13.07 -18.77
N ILE B 54 -14.70 -14.08 -17.94
CA ILE B 54 -13.46 -14.86 -17.96
C ILE B 54 -13.89 -16.33 -17.84
N SER B 55 -13.06 -17.25 -18.32
CA SER B 55 -13.30 -18.68 -18.21
C SER B 55 -12.22 -19.32 -17.35
N LEU B 56 -12.60 -20.39 -16.66
CA LEU B 56 -11.69 -21.13 -15.83
C LEU B 56 -10.54 -21.77 -16.67
N ASN B 57 -10.73 -21.90 -17.99
CA ASN B 57 -9.73 -22.46 -18.91
C ASN B 57 -8.79 -21.41 -19.54
N ASP B 58 -8.98 -20.12 -19.28
CA ASP B 58 -8.06 -19.12 -19.88
C ASP B 58 -6.66 -19.25 -19.30
N ASP B 59 -5.68 -18.97 -20.15
CA ASP B 59 -4.28 -18.97 -19.80
C ASP B 59 -3.98 -17.52 -19.41
N VAL B 60 -3.54 -17.27 -18.22
CA VAL B 60 -3.34 -15.92 -17.79
C VAL B 60 -1.88 -15.56 -17.78
N VAL B 61 -1.58 -14.40 -18.34
CA VAL B 61 -0.25 -13.88 -18.38
C VAL B 61 0.19 -13.43 -17.00
N ILE B 62 1.42 -13.78 -16.62
CA ILE B 62 1.93 -13.38 -15.36
C ILE B 62 2.86 -12.22 -15.64
N SER B 63 2.50 -11.03 -15.15
CA SER B 63 3.28 -9.81 -15.42
C SER B 63 4.35 -9.60 -14.36
N LYS B 64 5.12 -8.54 -14.55
CA LYS B 64 6.18 -8.14 -13.63
C LYS B 64 5.59 -7.80 -12.28
N ASN B 65 4.35 -7.35 -12.22
CA ASN B 65 3.74 -7.01 -10.94
C ASN B 65 3.28 -8.22 -10.16
N ALA B 66 2.93 -9.27 -10.87
CA ALA B 66 2.42 -10.49 -10.24
C ALA B 66 3.52 -11.47 -9.85
N TRP B 67 4.75 -11.22 -10.27
CA TRP B 67 5.87 -12.13 -10.02
C TRP B 67 6.03 -12.39 -8.52
N ALA B 68 6.05 -13.68 -8.18
CA ALA B 68 6.25 -14.16 -6.81
C ALA B 68 7.37 -13.43 -6.15
N LYS B 69 8.39 -13.12 -6.97
CA LYS B 69 9.57 -12.36 -6.54
C LYS B 69 9.23 -11.04 -5.85
N ASN B 70 8.05 -10.46 -6.10
CA ASN B 70 7.63 -9.24 -5.39
C ASN B 70 7.12 -9.43 -3.98
N PHE B 71 6.92 -10.69 -3.58
CA PHE B 71 6.31 -10.98 -2.26
C PHE B 71 7.25 -11.84 -1.40
N PRO B 72 8.26 -11.19 -0.82
CA PRO B 72 9.18 -11.91 0.03
C PRO B 72 8.64 -12.28 1.42
N ASP B 73 7.71 -11.54 2.04
CA ASP B 73 7.31 -11.93 3.40
C ASP B 73 5.91 -12.38 3.44
N SER B 74 5.36 -12.80 2.29
CA SER B 74 3.97 -13.19 2.21
C SER B 74 3.83 -14.58 1.59
N SER B 75 2.66 -15.13 1.78
CA SER B 75 2.31 -16.38 1.17
C SER B 75 2.24 -16.17 -0.40
N LYS B 76 2.68 -17.18 -1.13
CA LYS B 76 2.74 -17.18 -2.60
C LYS B 76 2.40 -18.50 -3.25
N MET B 77 1.86 -18.41 -4.45
CA MET B 77 1.61 -19.60 -5.23
C MET B 77 2.91 -20.03 -5.98
N PHE B 78 3.79 -19.05 -6.14
CA PHE B 78 5.05 -19.16 -6.83
C PHE B 78 4.97 -19.01 -8.35
N VAL B 79 4.21 -18.02 -8.78
CA VAL B 79 4.02 -17.80 -10.20
C VAL B 79 5.15 -16.89 -10.72
N GLU B 80 5.61 -17.17 -11.93
CA GLU B 80 6.74 -16.47 -12.60
C GLU B 80 6.38 -15.67 -13.85
N VAL B 81 7.05 -14.54 -13.99
CA VAL B 81 6.84 -13.65 -15.11
C VAL B 81 7.09 -14.36 -16.42
N GLY B 82 6.33 -13.99 -17.45
CA GLY B 82 6.52 -14.60 -18.78
C GLY B 82 5.93 -15.99 -18.99
N THR B 83 5.34 -16.57 -17.95
CA THR B 83 4.69 -17.82 -18.05
C THR B 83 3.21 -17.52 -18.08
N THR B 84 2.43 -18.55 -18.31
CA THR B 84 0.99 -18.44 -18.18
C THR B 84 0.54 -19.48 -17.19
N VAL B 85 -0.55 -19.17 -16.51
CA VAL B 85 -1.19 -20.04 -15.55
C VAL B 85 -2.70 -20.02 -15.83
N LYS B 86 -3.38 -21.14 -15.64
CA LYS B 86 -4.82 -21.17 -15.85
C LYS B 86 -5.57 -20.45 -14.72
N VAL B 87 -6.73 -19.87 -15.10
CA VAL B 87 -7.63 -19.18 -14.14
C VAL B 87 -8.00 -20.11 -12.96
N SER B 88 -8.42 -21.33 -13.22
CA SER B 88 -8.80 -22.18 -12.07
C SER B 88 -7.63 -22.42 -11.09
N ASP B 89 -6.41 -22.46 -11.61
CA ASP B 89 -5.23 -22.67 -10.81
C ASP B 89 -4.89 -21.43 -9.98
N LEU B 90 -4.94 -20.28 -10.61
CA LEU B 90 -4.70 -19.04 -9.86
C LEU B 90 -5.75 -18.84 -8.74
N ASN B 91 -7.01 -19.21 -9.02
CA ASN B 91 -8.09 -19.09 -8.06
C ASN B 91 -7.79 -19.91 -6.81
N ARG B 92 -7.39 -21.16 -7.03
CA ARG B 92 -6.97 -21.98 -5.87
C ARG B 92 -5.74 -21.44 -5.20
N GLY B 93 -4.83 -20.86 -5.94
CA GLY B 93 -3.69 -20.25 -5.25
C GLY B 93 -4.14 -19.12 -4.31
N ILE B 94 -5.13 -18.37 -4.77
CA ILE B 94 -5.64 -17.32 -3.93
C ILE B 94 -6.37 -17.85 -2.66
N ILE B 95 -7.29 -18.75 -2.90
CA ILE B 95 -8.16 -19.21 -1.88
C ILE B 95 -7.51 -20.22 -0.93
N ILE B 96 -6.86 -21.24 -1.49
CA ILE B 96 -6.31 -22.27 -0.65
C ILE B 96 -4.92 -21.88 -0.14
N GLN B 97 -4.09 -21.35 -1.02
CA GLN B 97 -2.73 -21.02 -0.66
C GLN B 97 -2.58 -19.58 -0.16
N SER B 98 -3.57 -18.75 -0.37
CA SER B 98 -3.51 -17.35 0.09
C SER B 98 -2.35 -16.65 -0.62
N GLY B 99 -2.15 -16.97 -1.89
CA GLY B 99 -1.03 -16.43 -2.63
C GLY B 99 -1.23 -14.99 -3.12
N ASN B 100 -0.41 -14.05 -2.65
CA ASN B 100 -0.53 -12.66 -3.07
C ASN B 100 -0.22 -12.46 -4.57
N ASP B 101 0.71 -13.24 -5.09
CA ASP B 101 1.11 -13.20 -6.51
C ASP B 101 -0.06 -13.56 -7.40
N ALA B 102 -0.79 -14.61 -7.01
CA ALA B 102 -1.97 -15.03 -7.78
C ALA B 102 -3.04 -13.99 -7.73
N CYS B 103 -3.13 -13.25 -6.62
CA CYS B 103 -4.11 -12.17 -6.47
C CYS B 103 -3.88 -11.12 -7.51
N VAL B 104 -2.64 -10.69 -7.62
CA VAL B 104 -2.31 -9.64 -8.59
C VAL B 104 -2.52 -10.11 -10.01
N ALA B 105 -2.22 -11.38 -10.30
CA ALA B 105 -2.37 -11.90 -11.67
C ALA B 105 -3.81 -11.95 -12.05
N MET B 106 -4.69 -12.40 -11.14
CA MET B 106 -6.13 -12.42 -11.46
C MET B 106 -6.69 -11.00 -11.56
N ALA B 107 -6.22 -10.14 -10.70
CA ALA B 107 -6.64 -8.73 -10.71
C ALA B 107 -6.41 -8.13 -12.12
N GLU B 108 -5.24 -8.40 -12.63
CA GLU B 108 -4.85 -7.91 -13.94
C GLU B 108 -5.61 -8.60 -15.05
N HIS B 109 -5.83 -9.90 -14.93
CA HIS B 109 -6.57 -10.63 -15.99
C HIS B 109 -8.02 -10.14 -16.03
N VAL B 110 -8.59 -9.85 -14.86
CA VAL B 110 -9.97 -9.37 -14.79
C VAL B 110 -10.16 -7.91 -15.24
N ALA B 111 -9.34 -6.97 -14.75
CA ALA B 111 -9.55 -5.55 -15.04
C ALA B 111 -8.35 -4.79 -15.65
N GLY B 112 -7.34 -5.49 -16.18
CA GLY B 112 -6.20 -4.86 -16.83
C GLY B 112 -5.12 -4.45 -15.84
N THR B 113 -5.50 -3.75 -14.79
CA THR B 113 -4.55 -3.28 -13.81
C THR B 113 -5.12 -3.54 -12.44
N GLU B 114 -4.24 -3.69 -11.45
CA GLU B 114 -4.71 -3.89 -10.10
C GLU B 114 -5.60 -2.75 -9.63
N ASP B 115 -5.32 -1.49 -10.01
CA ASP B 115 -6.14 -0.39 -9.54
C ASP B 115 -7.60 -0.48 -10.03
N ALA B 116 -7.80 -0.79 -11.30
CA ALA B 116 -9.17 -0.91 -11.81
C ALA B 116 -9.84 -2.10 -11.10
N PHE B 117 -9.07 -3.18 -10.81
CA PHE B 117 -9.69 -4.32 -10.10
C PHE B 117 -10.17 -3.85 -8.75
N VAL B 118 -9.40 -2.99 -8.12
CA VAL B 118 -9.77 -2.40 -6.81
C VAL B 118 -11.09 -1.58 -6.94
N ASP B 119 -11.26 -0.89 -8.07
CA ASP B 119 -12.54 -0.19 -8.32
C ASP B 119 -13.68 -1.23 -8.24
N LEU B 120 -13.56 -2.35 -8.93
CA LEU B 120 -14.61 -3.38 -8.81
C LEU B 120 -14.79 -3.88 -7.39
N MET B 121 -13.67 -4.08 -6.66
CA MET B 121 -13.77 -4.59 -5.29
C MET B 121 -14.64 -3.67 -4.44
N ASN B 122 -14.37 -2.35 -4.47
CA ASN B 122 -15.15 -1.42 -3.67
C ASN B 122 -16.56 -1.25 -4.17
N ALA B 123 -16.78 -1.34 -5.49
CA ALA B 123 -18.17 -1.19 -5.96
C ALA B 123 -18.94 -2.45 -5.44
N TRP B 124 -18.33 -3.62 -5.49
CA TRP B 124 -19.06 -4.80 -4.94
C TRP B 124 -19.28 -4.71 -3.45
N ALA B 125 -18.26 -4.24 -2.72
CA ALA B 125 -18.34 -4.09 -1.28
C ALA B 125 -19.52 -3.19 -0.94
N SER B 126 -19.66 -2.13 -1.71
CA SER B 126 -20.75 -1.22 -1.45
C SER B 126 -22.12 -1.84 -1.73
N SER B 127 -22.27 -2.52 -2.85
CA SER B 127 -23.56 -3.12 -3.20
C SER B 127 -23.89 -4.30 -2.21
N LEU B 128 -22.88 -4.80 -1.50
CA LEU B 128 -23.14 -5.82 -0.52
C LEU B 128 -23.49 -5.24 0.86
N GLY B 129 -23.41 -3.89 1.08
CA GLY B 129 -23.72 -3.36 2.42
C GLY B 129 -22.52 -3.30 3.37
N MET B 130 -21.33 -3.46 2.84
CA MET B 130 -20.09 -3.34 3.63
C MET B 130 -19.74 -1.81 3.68
N LYS B 131 -20.54 -1.05 4.41
CA LYS B 131 -20.39 0.41 4.43
C LYS B 131 -19.17 0.88 5.24
N ASN B 132 -18.53 0.00 5.99
CA ASN B 132 -17.38 0.34 6.77
C ASN B 132 -16.11 -0.39 6.27
N SER B 133 -16.03 -0.57 4.96
CA SER B 133 -14.92 -1.25 4.38
C SER B 133 -14.40 -0.48 3.18
N HIS B 134 -13.09 -0.55 2.98
CA HIS B 134 -12.51 0.08 1.82
C HIS B 134 -11.24 -0.67 1.45
N PHE B 135 -11.10 -0.99 0.18
CA PHE B 135 -9.95 -1.73 -0.30
C PHE B 135 -9.04 -0.90 -1.19
N THR B 136 -7.73 -1.14 -1.06
CA THR B 136 -6.71 -0.43 -1.86
C THR B 136 -5.90 -1.37 -2.73
N ASN B 137 -6.03 -2.68 -2.56
CA ASN B 137 -5.30 -3.60 -3.42
C ASN B 137 -6.02 -4.96 -3.41
N SER B 138 -5.60 -5.91 -4.23
CA SER B 138 -6.22 -7.21 -4.29
C SER B 138 -5.74 -8.27 -3.27
N HIS B 139 -4.77 -7.95 -2.43
CA HIS B 139 -4.21 -9.02 -1.52
C HIS B 139 -4.20 -8.77 -0.03
N GLY B 140 -4.30 -7.49 0.39
CA GLY B 140 -4.35 -7.17 1.81
C GLY B 140 -3.12 -6.55 2.47
N LEU B 141 -2.02 -6.34 1.76
CA LEU B 141 -0.86 -5.69 2.40
C LEU B 141 -1.30 -4.31 2.93
N ASP B 142 -0.85 -3.94 4.12
CA ASP B 142 -1.31 -2.73 4.77
C ASP B 142 -1.34 -1.43 4.03
N ASP B 143 -2.24 -0.58 4.48
CA ASP B 143 -2.46 0.70 3.89
C ASP B 143 -3.43 1.45 4.81
N PRO B 144 -3.16 2.76 5.05
CA PRO B 144 -4.09 3.52 5.88
C PRO B 144 -5.56 3.39 5.42
N ASN B 145 -5.79 3.40 4.11
CA ASN B 145 -7.13 3.29 3.54
C ASN B 145 -7.66 1.90 3.23
N LEU B 146 -7.01 0.87 3.75
CA LEU B 146 -7.48 -0.52 3.55
C LEU B 146 -8.02 -0.91 4.90
N TYR B 147 -9.32 -1.04 5.02
CA TYR B 147 -9.91 -1.44 6.29
C TYR B 147 -11.27 -2.12 6.13
N SER B 148 -11.69 -2.84 7.17
CA SER B 148 -13.01 -3.43 7.17
C SER B 148 -13.44 -3.55 8.62
N THR B 149 -14.48 -4.35 8.87
CA THR B 149 -15.00 -4.61 10.24
C THR B 149 -15.48 -6.05 10.34
N PRO B 150 -15.55 -6.62 11.55
CA PRO B 150 -16.07 -7.98 11.70
C PRO B 150 -17.40 -8.18 11.05
N TYR B 151 -18.29 -7.23 11.22
CA TYR B 151 -19.60 -7.33 10.62
C TYR B 151 -19.51 -7.36 9.12
N ASP B 152 -18.76 -6.44 8.53
CA ASP B 152 -18.60 -6.42 7.07
C ASP B 152 -17.94 -7.68 6.54
N LEU B 153 -16.98 -8.19 7.26
CA LEU B 153 -16.33 -9.45 6.91
C LEU B 153 -17.39 -10.61 6.95
N ALA B 154 -18.32 -10.54 7.87
CA ALA B 154 -19.39 -11.53 7.94
C ALA B 154 -20.29 -11.44 6.71
N LEU B 155 -20.63 -10.21 6.34
CA LEU B 155 -21.46 -9.98 5.15
C LEU B 155 -20.73 -10.51 3.95
N LEU B 156 -19.39 -10.35 3.93
CA LEU B 156 -18.65 -10.83 2.77
C LEU B 156 -18.68 -12.32 2.69
N GLY B 157 -18.47 -12.97 3.84
CA GLY B 157 -18.48 -14.45 3.87
C GLY B 157 -19.83 -14.96 3.40
N GLN B 158 -20.88 -14.34 3.92
CA GLN B 158 -22.27 -14.70 3.57
C GLN B 158 -22.50 -14.54 2.07
N ALA B 159 -22.04 -13.43 1.52
CA ALA B 159 -22.23 -13.17 0.08
C ALA B 159 -21.49 -14.18 -0.80
N LEU B 160 -20.34 -14.64 -0.33
CA LEU B 160 -19.60 -15.63 -1.06
C LEU B 160 -20.42 -16.93 -1.21
N ILE B 161 -20.94 -17.37 -0.09
CA ILE B 161 -21.79 -18.60 -0.08
C ILE B 161 -23.06 -18.37 -0.87
N ARG B 162 -23.64 -17.20 -0.71
CA ARG B 162 -24.91 -16.93 -1.37
C ARG B 162 -24.88 -16.67 -2.86
N ASP B 163 -23.94 -15.84 -3.28
CA ASP B 163 -23.95 -15.34 -4.66
C ASP B 163 -23.00 -16.08 -5.61
N VAL B 164 -21.88 -16.58 -5.09
CA VAL B 164 -20.91 -17.30 -5.90
C VAL B 164 -20.55 -18.73 -5.33
N PRO B 165 -21.56 -19.61 -5.27
CA PRO B 165 -21.37 -20.96 -4.71
C PRO B 165 -20.21 -21.77 -5.32
N GLU B 166 -20.00 -21.67 -6.62
CA GLU B 166 -18.90 -22.39 -7.30
C GLU B 166 -17.59 -21.88 -6.83
N GLU B 167 -17.53 -20.61 -6.44
CA GLU B 167 -16.32 -20.11 -5.93
C GLU B 167 -16.23 -20.57 -4.48
N TYR B 168 -17.34 -20.51 -3.72
CA TYR B 168 -17.33 -20.89 -2.29
C TYR B 168 -16.92 -22.32 -2.04
N ALA B 169 -17.28 -23.21 -2.97
CA ALA B 169 -16.93 -24.63 -2.77
C ALA B 169 -15.44 -24.83 -2.68
N ILE B 170 -14.71 -23.92 -3.32
CA ILE B 170 -13.28 -24.04 -3.30
C ILE B 170 -12.65 -23.88 -1.90
N TYR B 171 -13.34 -23.20 -0.98
CA TYR B 171 -12.81 -22.93 0.34
C TYR B 171 -12.69 -24.16 1.25
N SER B 172 -13.32 -25.26 0.84
CA SER B 172 -13.23 -26.46 1.65
C SER B 172 -12.17 -27.39 1.12
N GLU B 173 -11.46 -27.01 0.05
CA GLU B 173 -10.35 -27.82 -0.48
C GLU B 173 -9.18 -27.58 0.49
N GLN B 174 -8.58 -28.68 0.92
CA GLN B 174 -7.54 -28.66 1.94
C GLN B 174 -6.13 -28.39 1.50
N LYS B 175 -5.88 -28.58 0.20
CA LYS B 175 -4.57 -28.32 -0.31
C LYS B 175 -4.56 -28.11 -1.79
N PHE B 176 -3.44 -27.60 -2.28
CA PHE B 176 -3.28 -27.35 -3.65
C PHE B 176 -1.82 -27.36 -3.96
N THR B 177 -1.49 -28.00 -5.08
CA THR B 177 -0.16 -28.09 -5.59
C THR B 177 -0.02 -27.30 -6.91
N TYR B 178 1.04 -26.49 -6.95
CA TYR B 178 1.40 -25.73 -8.13
C TYR B 178 2.93 -25.78 -8.25
N ASN B 179 3.38 -26.22 -9.43
CA ASN B 179 4.74 -26.28 -9.74
C ASN B 179 5.54 -27.19 -8.75
N GLY B 180 4.93 -28.26 -8.29
CA GLY B 180 5.60 -29.21 -7.42
C GLY B 180 5.72 -28.74 -5.99
N ILE B 181 4.99 -27.68 -5.69
CA ILE B 181 4.89 -27.09 -4.35
C ILE B 181 3.46 -27.25 -3.85
N THR B 182 3.30 -28.08 -2.80
CA THR B 182 2.03 -28.33 -2.15
C THR B 182 1.87 -27.45 -0.93
N GLN B 183 0.73 -26.76 -0.81
CA GLN B 183 0.46 -25.93 0.35
C GLN B 183 -0.93 -26.26 0.81
N TYR B 184 -1.09 -26.26 2.13
CA TYR B 184 -2.32 -26.54 2.81
C TYR B 184 -3.15 -25.33 3.12
N ASN B 185 -4.45 -25.56 3.10
CA ASN B 185 -5.41 -24.55 3.49
C ASN B 185 -5.19 -24.34 4.99
N ARG B 186 -4.95 -23.11 5.42
CA ARG B 186 -4.71 -22.76 6.84
C ARG B 186 -5.92 -22.80 7.76
N ASN B 187 -7.12 -23.01 7.21
CA ASN B 187 -8.29 -23.13 8.08
C ASN B 187 -8.38 -24.57 8.65
N GLY B 188 -7.74 -24.75 9.81
CA GLY B 188 -7.69 -26.04 10.47
C GLY B 188 -9.03 -26.65 10.81
N LEU B 189 -10.04 -25.81 11.02
CA LEU B 189 -11.38 -26.32 11.31
C LEU B 189 -11.96 -27.22 10.22
N LEU B 190 -11.39 -27.14 9.01
CA LEU B 190 -11.84 -28.01 7.93
C LEU B 190 -11.61 -29.50 8.24
N TRP B 191 -10.64 -29.77 9.11
CA TRP B 191 -10.29 -31.15 9.53
C TRP B 191 -11.09 -31.66 10.74
N ASP B 192 -11.79 -30.76 11.41
CA ASP B 192 -12.58 -31.14 12.56
C ASP B 192 -13.78 -31.96 12.13
N LYS B 193 -13.83 -33.19 12.60
CA LYS B 193 -14.90 -34.12 12.26
C LYS B 193 -16.22 -33.92 13.01
N SER B 194 -16.16 -33.37 14.22
CA SER B 194 -17.36 -33.13 15.04
C SER B 194 -18.24 -31.99 14.51
N MET B 195 -17.71 -31.16 13.61
CA MET B 195 -18.48 -30.08 12.99
C MET B 195 -18.35 -30.06 11.49
N ASN B 196 -19.29 -29.43 10.80
CA ASN B 196 -19.24 -29.30 9.34
C ASN B 196 -18.90 -27.84 9.00
N VAL B 197 -17.62 -27.51 9.15
CA VAL B 197 -17.06 -26.22 8.80
C VAL B 197 -16.57 -26.36 7.36
N ASP B 198 -17.07 -25.54 6.44
CA ASP B 198 -16.67 -25.63 5.06
C ASP B 198 -16.05 -24.31 4.51
N GLY B 199 -15.67 -23.42 5.42
CA GLY B 199 -15.04 -22.16 5.09
C GLY B 199 -14.67 -21.40 6.34
N ILE B 200 -14.11 -20.19 6.23
CA ILE B 200 -13.87 -19.57 4.95
C ILE B 200 -12.41 -19.16 4.78
N LYS B 201 -11.96 -18.13 5.49
CA LYS B 201 -10.62 -17.66 5.28
C LYS B 201 -9.95 -17.19 6.54
N THR B 202 -8.66 -17.37 6.55
CA THR B 202 -7.82 -17.10 7.67
C THR B 202 -6.91 -15.87 7.42
N GLY B 203 -6.41 -15.23 8.47
CA GLY B 203 -5.51 -14.06 8.33
C GLY B 203 -4.92 -13.56 9.65
N HIS B 204 -3.91 -12.70 9.62
CA HIS B 204 -3.30 -12.13 10.86
C HIS B 204 -3.13 -10.61 10.71
N THR B 205 -3.39 -9.85 11.77
CA THR B 205 -3.20 -8.39 11.73
C THR B 205 -2.18 -8.08 12.84
N SER B 206 -1.03 -7.57 12.41
CA SER B 206 0.02 -7.22 13.35
C SER B 206 -0.49 -6.17 14.34
N GLY B 207 -0.40 -6.53 15.60
CA GLY B 207 -0.87 -5.61 16.64
C GLY B 207 -2.16 -6.08 17.27
N ALA B 208 -2.99 -6.82 16.52
CA ALA B 208 -4.25 -7.41 17.07
C ALA B 208 -4.14 -8.92 17.33
N GLY B 209 -3.76 -9.69 16.31
CA GLY B 209 -3.67 -11.15 16.43
C GLY B 209 -4.21 -11.90 15.22
N TYR B 210 -4.58 -13.15 15.45
CA TYR B 210 -5.07 -14.02 14.41
C TYR B 210 -6.57 -13.90 14.20
N ASN B 211 -6.94 -13.95 12.93
CA ASN B 211 -8.29 -13.82 12.52
C ASN B 211 -8.82 -15.01 11.73
N LEU B 212 -10.14 -15.25 11.85
CA LEU B 212 -10.79 -16.28 11.05
C LEU B 212 -12.23 -15.92 10.72
N VAL B 213 -12.58 -16.10 9.44
CA VAL B 213 -13.98 -15.97 9.00
C VAL B 213 -14.40 -17.39 8.73
N SER B 214 -15.36 -17.92 9.48
CA SER B 214 -15.74 -19.33 9.32
C SER B 214 -17.23 -19.46 9.02
N SER B 215 -17.64 -20.58 8.47
CA SER B 215 -19.05 -20.88 8.24
C SER B 215 -19.20 -22.37 8.45
N ALA B 216 -20.36 -22.78 8.98
CA ALA B 216 -20.62 -24.17 9.26
C ALA B 216 -22.07 -24.43 9.15
N THR B 217 -22.39 -25.70 8.97
CA THR B 217 -23.77 -26.13 8.94
C THR B 217 -24.00 -27.26 9.97
N GLU B 218 -25.28 -27.42 10.36
CA GLU B 218 -25.75 -28.45 11.27
C GLU B 218 -27.27 -28.52 11.05
N GLY B 219 -27.77 -29.66 10.58
CA GLY B 219 -29.16 -29.77 10.29
C GLY B 219 -29.54 -28.77 9.23
N ASN B 220 -30.58 -27.99 9.44
CA ASN B 220 -31.01 -27.01 8.49
C ASN B 220 -30.40 -25.66 8.78
N MET B 221 -29.40 -25.60 9.67
CA MET B 221 -28.81 -24.32 10.01
C MET B 221 -27.49 -24.05 9.33
N ARG B 222 -27.25 -22.76 9.08
CA ARG B 222 -25.94 -22.33 8.67
C ARG B 222 -25.59 -21.06 9.38
N LEU B 223 -24.36 -20.99 9.88
CA LEU B 223 -23.88 -19.82 10.57
C LEU B 223 -22.62 -19.32 9.94
N VAL B 224 -22.38 -18.01 10.11
CA VAL B 224 -21.16 -17.38 9.68
C VAL B 224 -20.60 -16.72 10.95
N ALA B 225 -19.33 -16.97 11.24
CA ALA B 225 -18.64 -16.37 12.37
C ALA B 225 -17.35 -15.69 11.94
N VAL B 226 -17.06 -14.57 12.58
CA VAL B 226 -15.85 -13.86 12.36
C VAL B 226 -15.21 -13.63 13.74
N VAL B 227 -13.93 -13.97 13.85
CA VAL B 227 -13.18 -13.76 15.11
C VAL B 227 -11.90 -13.02 14.71
N MET B 228 -11.67 -11.88 15.34
CA MET B 228 -10.51 -11.08 15.03
C MET B 228 -9.68 -10.76 16.25
N GLY B 229 -8.38 -10.92 16.07
CA GLY B 229 -7.49 -10.67 17.15
C GLY B 229 -7.41 -11.70 18.25
N THR B 230 -7.28 -12.98 17.89
CA THR B 230 -7.10 -14.05 18.90
C THR B 230 -5.60 -14.18 19.15
N ASP B 231 -5.26 -14.76 20.28
CA ASP B 231 -3.88 -14.81 20.71
C ASP B 231 -2.92 -15.76 19.96
N ASN B 232 -3.41 -16.82 19.34
CA ASN B 232 -2.56 -17.76 18.61
C ASN B 232 -3.44 -18.62 17.79
N GLU B 233 -2.85 -19.44 16.92
CA GLU B 233 -3.61 -20.31 16.05
C GLU B 233 -4.55 -21.25 16.79
N ASN B 234 -4.15 -21.77 17.95
CA ASN B 234 -5.04 -22.66 18.72
C ASN B 234 -6.30 -21.95 19.19
N ALA B 235 -6.11 -20.74 19.69
CA ALA B 235 -7.20 -19.91 20.15
C ALA B 235 -8.10 -19.57 18.95
N ARG B 236 -7.54 -19.19 17.81
CA ARG B 236 -8.35 -18.92 16.63
C ARG B 236 -9.34 -20.07 16.35
N LYS B 237 -8.85 -21.30 16.38
CA LYS B 237 -9.75 -22.42 16.15
C LYS B 237 -10.75 -22.61 17.28
N ALA B 238 -10.26 -22.70 18.52
CA ALA B 238 -11.13 -22.98 19.64
C ALA B 238 -12.21 -21.91 19.85
N GLU B 239 -11.86 -20.64 19.74
CA GLU B 239 -12.84 -19.61 19.97
C GLU B 239 -13.90 -19.62 18.88
N SER B 240 -13.49 -19.89 17.64
CA SER B 240 -14.44 -19.94 16.53
C SER B 240 -15.41 -21.10 16.72
N LYS B 241 -14.85 -22.24 17.17
CA LYS B 241 -15.68 -23.42 17.37
C LYS B 241 -16.71 -23.14 18.49
N LYS B 242 -16.29 -22.46 19.55
CA LYS B 242 -17.24 -22.16 20.64
C LYS B 242 -18.33 -21.24 20.14
N LEU B 243 -17.94 -20.19 19.46
CA LEU B 243 -18.90 -19.27 18.95
C LEU B 243 -19.89 -20.00 18.07
N LEU B 244 -19.41 -20.84 17.18
CA LEU B 244 -20.32 -21.59 16.30
C LEU B 244 -21.26 -22.54 17.07
N SER B 245 -20.72 -23.31 18.01
CA SER B 245 -21.57 -24.25 18.77
C SER B 245 -22.68 -23.52 19.52
N TYR B 246 -22.35 -22.36 20.08
CA TYR B 246 -23.34 -21.57 20.75
C TYR B 246 -24.50 -21.25 19.80
N GLY B 247 -24.15 -20.85 18.57
CA GLY B 247 -25.21 -20.47 17.63
C GLY B 247 -26.11 -21.66 17.30
N PHE B 248 -25.52 -22.85 17.16
CA PHE B 248 -26.29 -24.03 16.81
C PHE B 248 -27.22 -24.41 17.92
N ARG B 249 -26.74 -24.25 19.16
CA ARG B 249 -27.57 -24.49 20.32
C ARG B 249 -28.60 -23.36 20.57
N PHE B 250 -28.32 -22.14 20.14
CA PHE B 250 -29.27 -21.01 20.29
C PHE B 250 -30.62 -21.31 19.59
N PHE B 251 -30.63 -21.94 18.41
CA PHE B 251 -31.95 -22.29 17.84
C PHE B 251 -32.04 -23.61 17.10
N ASP C 2 6.77 9.27 -29.03
CA ASP C 2 5.40 8.84 -29.41
C ASP C 2 4.38 9.01 -28.30
N ALA C 3 3.64 10.11 -28.36
CA ALA C 3 2.58 10.34 -27.38
C ALA C 3 1.65 9.15 -27.47
N PRO C 4 1.10 8.69 -26.36
CA PRO C 4 0.23 7.52 -26.48
C PRO C 4 -1.17 7.97 -26.91
N GLN C 5 -2.05 6.99 -27.10
CA GLN C 5 -3.41 7.22 -27.43
C GLN C 5 -4.14 7.38 -26.13
N ILE C 6 -4.96 8.43 -26.11
CA ILE C 6 -5.75 8.75 -24.98
C ILE C 6 -7.17 8.68 -25.48
N ALA C 7 -8.04 7.93 -24.83
CA ALA C 7 -9.44 7.84 -25.26
C ALA C 7 -10.20 9.04 -24.65
N ALA C 8 -10.05 10.20 -25.26
CA ALA C 8 -10.71 11.36 -24.77
C ALA C 8 -10.92 12.30 -25.91
N LYS C 9 -11.94 13.12 -25.84
CA LYS C 9 -12.22 14.08 -26.94
C LYS C 9 -11.22 15.21 -27.04
N GLY C 10 -10.66 15.62 -25.90
CA GLY C 10 -9.66 16.68 -25.91
C GLY C 10 -8.74 16.51 -24.69
N TYR C 11 -7.47 16.85 -24.82
CA TYR C 11 -6.60 16.79 -23.63
C TYR C 11 -5.40 17.63 -23.79
N VAL C 12 -4.76 17.89 -22.66
CA VAL C 12 -3.48 18.57 -22.64
C VAL C 12 -2.65 18.07 -21.49
N LEU C 13 -1.34 17.93 -21.71
CA LEU C 13 -0.42 17.49 -20.69
C LEU C 13 0.58 18.63 -20.61
N MET C 14 0.79 19.15 -19.42
CA MET C 14 1.64 20.30 -19.27
C MET C 14 2.62 20.16 -18.14
N ASP C 15 3.84 20.55 -18.39
CA ASP C 15 4.86 20.59 -17.36
C ASP C 15 4.53 21.78 -16.46
N TYR C 16 4.32 21.52 -15.16
CA TYR C 16 4.05 22.57 -14.21
C TYR C 16 5.11 23.62 -14.17
N HIS C 17 6.37 23.22 -14.22
CA HIS C 17 7.48 24.22 -14.06
C HIS C 17 7.57 25.27 -15.16
N SER C 18 7.75 24.82 -16.38
CA SER C 18 7.92 25.76 -17.52
C SER C 18 6.63 26.13 -18.19
N GLY C 19 5.58 25.36 -17.98
CA GLY C 19 4.31 25.57 -18.66
C GLY C 19 4.30 25.01 -20.09
N LYS C 20 5.33 24.30 -20.46
CA LYS C 20 5.42 23.64 -21.75
C LYS C 20 4.41 22.46 -21.95
N VAL C 21 3.78 22.42 -23.11
CA VAL C 21 2.80 21.41 -23.49
C VAL C 21 3.56 20.21 -24.00
N LEU C 22 3.40 19.06 -23.39
CA LEU C 22 4.11 17.85 -23.80
C LEU C 22 3.30 17.00 -24.78
N ALA C 23 1.98 17.11 -24.72
CA ALA C 23 1.08 16.46 -25.70
C ALA C 23 -0.27 17.13 -25.57
N GLU C 24 -1.09 17.00 -26.60
CA GLU C 24 -2.41 17.63 -26.60
C GLU C 24 -3.26 17.19 -27.76
N LYS C 25 -4.55 17.41 -27.62
CA LYS C 25 -5.52 17.14 -28.66
C LYS C 25 -6.64 18.17 -28.43
N GLU C 26 -6.95 18.93 -29.46
CA GLU C 26 -8.02 19.92 -29.35
C GLU C 26 -7.84 20.85 -28.16
N MET C 27 -6.57 21.12 -27.89
CA MET C 27 -6.12 21.92 -26.78
C MET C 27 -6.79 23.29 -26.67
N ASP C 28 -6.98 23.94 -27.81
CA ASP C 28 -7.57 25.28 -27.81
C ASP C 28 -8.97 25.30 -28.30
N THR C 29 -9.64 24.16 -28.30
CA THR C 29 -11.02 24.12 -28.76
C THR C 29 -12.02 24.31 -27.66
N LYS C 30 -12.91 25.27 -27.83
CA LYS C 30 -13.91 25.61 -26.82
C LYS C 30 -14.88 24.53 -26.47
N LEU C 31 -15.14 24.45 -25.19
CA LEU C 31 -15.98 23.47 -24.54
C LEU C 31 -16.64 24.14 -23.37
N SER C 32 -17.63 23.41 -22.86
CA SER C 32 -18.40 23.79 -21.73
C SER C 32 -17.63 23.09 -20.57
N PRO C 33 -17.07 23.85 -19.62
CA PRO C 33 -16.29 23.21 -18.51
C PRO C 33 -17.12 22.65 -17.37
N ALA C 34 -18.35 23.11 -17.28
CA ALA C 34 -19.28 22.71 -16.23
C ALA C 34 -18.64 22.87 -14.86
N SER C 35 -18.67 21.79 -14.09
CA SER C 35 -18.20 21.90 -12.75
C SER C 35 -16.69 22.28 -12.60
N LEU C 36 -15.94 22.25 -13.70
CA LEU C 36 -14.52 22.62 -13.61
C LEU C 36 -14.46 24.12 -13.37
N THR C 37 -15.59 24.82 -13.67
CA THR C 37 -15.70 26.26 -13.38
C THR C 37 -15.37 26.53 -11.89
N LYS C 38 -15.59 25.53 -11.06
CA LYS C 38 -15.37 25.66 -9.62
C LYS C 38 -13.93 25.92 -9.28
N MET C 39 -13.04 25.49 -10.17
CA MET C 39 -11.63 25.82 -9.94
C MET C 39 -11.43 27.33 -9.96
N MET C 40 -12.16 28.02 -10.86
CA MET C 40 -11.93 29.48 -10.96
C MET C 40 -12.51 30.14 -9.72
N THR C 41 -13.66 29.65 -9.28
CA THR C 41 -14.31 30.18 -8.11
C THR C 41 -13.42 30.02 -6.88
N SER C 42 -12.83 28.83 -6.71
CA SER C 42 -11.95 28.61 -5.59
C SER C 42 -10.68 29.44 -5.72
N TYR C 43 -10.25 29.71 -6.96
CA TYR C 43 -9.06 30.51 -7.14
C TYR C 43 -9.32 31.92 -6.59
N VAL C 44 -10.46 32.51 -6.97
CA VAL C 44 -10.79 33.88 -6.51
C VAL C 44 -10.93 33.88 -5.00
N ILE C 45 -11.61 32.88 -4.45
CA ILE C 45 -11.72 32.76 -2.99
C ILE C 45 -10.33 32.72 -2.32
N GLY C 46 -9.41 31.98 -2.92
CA GLY C 46 -8.06 31.86 -2.36
C GLY C 46 -7.34 33.19 -2.38
N GLN C 47 -7.54 33.95 -3.44
CA GLN C 47 -6.89 35.25 -3.47
C GLN C 47 -7.48 36.16 -2.44
N GLU C 48 -8.79 36.11 -2.24
CA GLU C 48 -9.42 37.01 -1.25
C GLU C 48 -8.96 36.65 0.15
N VAL C 49 -8.78 35.35 0.43
CA VAL C 49 -8.23 34.90 1.72
C VAL C 49 -6.80 35.41 1.92
N LYS C 50 -5.94 35.24 0.91
CA LYS C 50 -4.58 35.71 1.04
C LYS C 50 -4.46 37.19 1.27
N ARG C 51 -5.27 37.95 0.56
CA ARG C 51 -5.19 39.42 0.72
C ARG C 51 -5.90 39.89 1.98
N GLY C 52 -6.53 39.02 2.74
CA GLY C 52 -7.18 39.46 3.97
C GLY C 52 -8.55 40.09 3.83
N ASN C 53 -9.23 39.96 2.70
CA ASN C 53 -10.56 40.56 2.55
C ASN C 53 -11.61 39.73 3.21
N ILE C 54 -11.38 38.42 3.29
CA ILE C 54 -12.32 37.54 4.01
C ILE C 54 -11.47 36.60 4.88
N SER C 55 -12.04 36.07 5.94
CA SER C 55 -11.35 35.13 6.84
C SER C 55 -12.04 33.76 6.78
N LEU C 56 -11.28 32.73 7.00
CA LEU C 56 -11.78 31.37 7.05
C LEU C 56 -12.77 31.17 8.24
N ASN C 57 -12.71 32.06 9.23
CA ASN C 57 -13.60 32.02 10.40
C ASN C 57 -14.87 32.87 10.25
N ASP C 58 -15.05 33.56 9.14
CA ASP C 58 -16.32 34.33 8.96
C ASP C 58 -17.53 33.44 8.85
N ASP C 59 -18.64 33.94 9.36
CA ASP C 59 -19.93 33.29 9.25
C ASP C 59 -20.57 33.86 7.99
N VAL C 60 -20.92 33.02 7.06
CA VAL C 60 -21.51 33.49 5.84
C VAL C 60 -23.00 33.30 5.82
N VAL C 61 -23.71 34.37 5.45
CA VAL C 61 -25.15 34.33 5.33
C VAL C 61 -25.55 33.54 4.09
N ILE C 62 -26.56 32.69 4.23
CA ILE C 62 -27.01 31.90 3.11
C ILE C 62 -28.24 32.58 2.58
N SER C 63 -28.17 33.10 1.36
CA SER C 63 -29.31 33.83 0.78
C SER C 63 -30.23 32.91 0.01
N LYS C 64 -31.29 33.53 -0.49
CA LYS C 64 -32.32 32.93 -1.34
C LYS C 64 -31.69 32.29 -2.55
N ASN C 65 -30.65 32.92 -3.06
CA ASN C 65 -29.99 32.43 -4.28
C ASN C 65 -29.12 31.24 -4.08
N ALA C 66 -28.57 31.12 -2.87
CA ALA C 66 -27.68 30.04 -2.55
C ALA C 66 -28.39 28.80 -2.03
N TRP C 67 -29.68 28.88 -1.79
CA TRP C 67 -30.42 27.77 -1.19
C TRP C 67 -30.28 26.51 -2.05
N ALA C 68 -29.88 25.42 -1.39
CA ALA C 68 -29.73 24.11 -2.00
C ALA C 68 -30.92 23.80 -2.87
N LYS C 69 -32.08 24.26 -2.39
CA LYS C 69 -33.37 24.12 -3.07
C LYS C 69 -33.34 24.61 -4.53
N ASN C 70 -32.41 25.51 -4.88
CA ASN C 70 -32.31 26.00 -6.29
C ASN C 70 -31.57 25.06 -7.21
N PHE C 71 -30.95 24.02 -6.66
CA PHE C 71 -30.13 23.10 -7.45
C PHE C 71 -30.60 21.67 -7.36
N PRO C 72 -31.72 21.37 -8.04
CA PRO C 72 -32.16 19.99 -8.12
C PRO C 72 -31.33 19.35 -9.25
N ASP C 73 -31.03 18.07 -9.10
CA ASP C 73 -30.17 17.25 -9.99
C ASP C 73 -28.79 17.77 -10.35
N SER C 74 -28.14 18.25 -9.34
CA SER C 74 -26.74 18.74 -9.40
C SER C 74 -26.21 18.73 -7.97
N SER C 75 -24.89 18.64 -7.87
CA SER C 75 -24.29 18.46 -6.60
C SER C 75 -24.51 19.64 -5.65
N LYS C 76 -24.76 19.35 -4.36
CA LYS C 76 -24.98 20.34 -3.30
C LYS C 76 -24.31 20.02 -1.97
N MET C 77 -24.00 21.07 -1.21
CA MET C 77 -23.48 20.93 0.15
C MET C 77 -24.63 20.86 1.18
N PHE C 78 -25.81 21.20 0.69
CA PHE C 78 -27.06 21.21 1.46
C PHE C 78 -27.11 22.32 2.48
N VAL C 79 -26.92 23.52 1.97
CA VAL C 79 -26.95 24.73 2.72
C VAL C 79 -28.36 25.31 2.69
N GLU C 80 -28.80 25.82 3.84
CA GLU C 80 -30.16 26.36 4.01
C GLU C 80 -30.23 27.87 4.28
N VAL C 81 -31.23 28.51 3.69
CA VAL C 81 -31.43 29.96 3.85
C VAL C 81 -31.52 30.37 5.32
N GLY C 82 -30.94 31.52 5.62
CA GLY C 82 -30.90 32.05 6.97
C GLY C 82 -29.93 31.46 7.97
N THR C 83 -29.36 30.32 7.68
CA THR C 83 -28.46 29.68 8.64
C THR C 83 -27.06 29.82 8.13
N THR C 84 -26.21 30.52 8.89
CA THR C 84 -24.89 30.83 8.48
C THR C 84 -24.00 29.63 8.45
N VAL C 85 -22.96 29.70 7.63
CA VAL C 85 -21.96 28.66 7.49
C VAL C 85 -20.60 29.34 7.47
N LYS C 86 -19.59 28.69 8.03
CA LYS C 86 -18.24 29.24 7.99
C LYS C 86 -17.60 29.16 6.61
N VAL C 87 -16.76 30.13 6.33
CA VAL C 87 -16.01 30.21 5.07
C VAL C 87 -15.22 28.94 4.78
N SER C 88 -14.46 28.44 5.74
CA SER C 88 -13.69 27.22 5.44
C SER C 88 -14.62 26.04 5.03
N ASP C 89 -15.80 25.97 5.61
CA ASP C 89 -16.73 24.91 5.34
C ASP C 89 -17.35 25.07 3.96
N LEU C 90 -17.74 26.30 3.61
CA LEU C 90 -18.24 26.52 2.26
C LEU C 90 -17.21 26.17 1.18
N ASN C 91 -15.98 26.57 1.43
CA ASN C 91 -14.85 26.21 0.52
C ASN C 91 -14.74 24.72 0.27
N ARG C 92 -14.79 23.94 1.33
CA ARG C 92 -14.75 22.45 1.16
C ARG C 92 -15.99 21.98 0.47
N GLY C 93 -17.13 22.60 0.71
CA GLY C 93 -18.31 22.20 -0.05
C GLY C 93 -18.11 22.40 -1.54
N ILE C 94 -17.45 23.50 -1.86
CA ILE C 94 -17.17 23.78 -3.26
C ILE C 94 -16.16 22.78 -3.87
N ILE C 95 -15.05 22.64 -3.21
CA ILE C 95 -13.94 21.89 -3.72
C ILE C 95 -14.12 20.39 -3.62
N ILE C 96 -14.50 19.89 -2.45
CA ILE C 96 -14.60 18.48 -2.25
C ILE C 96 -15.93 17.93 -2.67
N GLN C 97 -17.01 18.64 -2.35
CA GLN C 97 -18.32 18.18 -2.65
C GLN C 97 -18.86 18.72 -3.96
N SER C 98 -18.19 19.71 -4.52
CA SER C 98 -18.64 20.30 -5.80
C SER C 98 -20.05 20.89 -5.64
N GLY C 99 -20.31 21.51 -4.51
CA GLY C 99 -21.64 22.03 -4.24
C GLY C 99 -21.95 23.36 -4.89
N ASN C 100 -22.93 23.39 -5.78
CA ASN C 100 -23.32 24.63 -6.45
C ASN C 100 -23.86 25.69 -5.47
N ASP C 101 -24.59 25.22 -4.45
CA ASP C 101 -25.15 26.09 -3.43
C ASP C 101 -24.03 26.87 -2.71
N ALA C 102 -22.99 26.16 -2.33
CA ALA C 102 -21.85 26.77 -1.65
C ALA C 102 -21.15 27.77 -2.53
N CYS C 103 -21.14 27.54 -3.84
CA CYS C 103 -20.51 28.44 -4.80
C CYS C 103 -21.20 29.77 -4.77
N VAL C 104 -22.52 29.75 -4.82
CA VAL C 104 -23.27 30.99 -4.82
C VAL C 104 -23.14 31.73 -3.51
N ALA C 105 -23.08 31.01 -2.39
CA ALA C 105 -22.93 31.65 -1.09
C ALA C 105 -21.62 32.34 -0.95
N MET C 106 -20.54 31.68 -1.39
CA MET C 106 -19.20 32.35 -1.33
C MET C 106 -19.15 33.53 -2.33
N ALA C 107 -19.77 33.36 -3.48
CA ALA C 107 -19.76 34.39 -4.49
C ALA C 107 -20.33 35.69 -3.88
N GLU C 108 -21.45 35.53 -3.19
CA GLU C 108 -22.09 36.64 -2.56
C GLU C 108 -21.30 37.18 -1.38
N HIS C 109 -20.69 36.31 -0.60
CA HIS C 109 -19.90 36.79 0.57
C HIS C 109 -18.69 37.60 0.07
N VAL C 110 -18.11 37.15 -1.04
CA VAL C 110 -16.92 37.83 -1.57
C VAL C 110 -17.23 39.15 -2.30
N ALA C 111 -18.22 39.16 -3.19
CA ALA C 111 -18.49 40.35 -3.99
C ALA C 111 -19.94 40.89 -3.96
N GLY C 112 -20.72 40.51 -2.95
CA GLY C 112 -22.09 41.01 -2.80
C GLY C 112 -23.12 40.28 -3.62
N THR C 113 -22.85 40.14 -4.91
CA THR C 113 -23.77 39.44 -5.79
C THR C 113 -23.01 38.45 -6.65
N GLU C 114 -23.70 37.43 -7.15
CA GLU C 114 -23.04 36.49 -8.06
C GLU C 114 -22.45 37.21 -9.27
N ASP C 115 -23.14 38.20 -9.84
CA ASP C 115 -22.60 38.84 -11.04
C ASP C 115 -21.29 39.56 -10.81
N ALA C 116 -21.18 40.31 -9.73
CA ALA C 116 -19.92 41.00 -9.45
C ALA C 116 -18.83 39.93 -9.19
N PHE C 117 -19.20 38.82 -8.56
CA PHE C 117 -18.17 37.74 -8.33
C PHE C 117 -17.69 37.27 -9.68
N VAL C 118 -18.59 37.15 -10.64
CA VAL C 118 -18.23 36.72 -12.01
C VAL C 118 -17.28 37.73 -12.64
N ASP C 119 -17.49 39.02 -12.39
CA ASP C 119 -16.54 40.05 -12.86
C ASP C 119 -15.14 39.72 -12.33
N LEU C 120 -15.01 39.47 -11.03
CA LEU C 120 -13.68 39.07 -10.53
C LEU C 120 -13.15 37.81 -11.22
N MET C 121 -14.02 36.80 -11.40
CA MET C 121 -13.56 35.53 -12.04
C MET C 121 -12.93 35.83 -13.41
N ASN C 122 -13.62 36.60 -14.27
CA ASN C 122 -13.06 36.90 -15.59
C ASN C 122 -11.86 37.81 -15.54
N ALA C 123 -11.80 38.73 -14.58
CA ALA C 123 -10.60 39.60 -14.51
C ALA C 123 -9.42 38.69 -14.12
N TRP C 124 -9.62 37.77 -13.20
CA TRP C 124 -8.51 36.85 -12.86
C TRP C 124 -8.14 35.93 -14.01
N ALA C 125 -9.13 35.41 -14.70
CA ALA C 125 -8.89 34.53 -15.87
C ALA C 125 -8.03 35.23 -16.89
N SER C 126 -8.34 36.50 -17.09
CA SER C 126 -7.57 37.28 -18.04
C SER C 126 -6.10 37.47 -17.58
N SER C 127 -5.90 37.83 -16.32
CA SER C 127 -4.55 38.07 -15.84
C SER C 127 -3.78 36.74 -15.73
N LEU C 128 -4.47 35.61 -15.79
CA LEU C 128 -3.78 34.33 -15.81
C LEU C 128 -3.42 33.89 -17.23
N GLY C 129 -3.88 34.56 -18.29
CA GLY C 129 -3.56 34.11 -19.65
C GLY C 129 -4.54 33.13 -20.23
N MET C 130 -5.73 33.00 -19.61
CA MET C 130 -6.78 32.12 -20.13
C MET C 130 -7.56 32.93 -21.18
N LYS C 131 -6.93 33.13 -22.33
CA LYS C 131 -7.55 33.97 -23.36
C LYS C 131 -8.73 33.37 -24.09
N ASN C 132 -9.03 32.09 -23.85
CA ASN C 132 -10.15 31.43 -24.52
C ASN C 132 -11.19 30.94 -23.51
N SER C 133 -11.34 31.70 -22.43
CA SER C 133 -12.28 31.30 -21.39
C SER C 133 -13.18 32.44 -20.99
N HIS C 134 -14.43 32.15 -20.68
CA HIS C 134 -15.31 33.19 -20.20
C HIS C 134 -16.35 32.56 -19.27
N PHE C 135 -16.52 33.18 -18.11
CA PHE C 135 -17.46 32.67 -17.12
C PHE C 135 -18.70 33.55 -16.97
N THR C 136 -19.85 32.90 -16.73
CA THR C 136 -21.13 33.59 -16.54
C THR C 136 -21.72 33.35 -15.14
N ASN C 137 -21.16 32.42 -14.37
CA ASN C 137 -21.70 32.20 -13.04
C ASN C 137 -20.58 31.53 -12.21
N SER C 138 -20.81 31.35 -10.92
CA SER C 138 -19.79 30.79 -10.03
C SER C 138 -19.76 29.24 -9.94
N HIS C 139 -20.64 28.53 -10.66
CA HIS C 139 -20.70 27.06 -10.49
C HIS C 139 -20.53 26.21 -11.71
N GLY C 140 -20.80 26.73 -12.90
CA GLY C 140 -20.65 25.96 -14.12
C GLY C 140 -21.91 25.52 -14.87
N LEU C 141 -23.10 25.73 -14.35
CA LEU C 141 -24.29 25.29 -15.10
C LEU C 141 -24.28 25.96 -16.46
N ASP C 142 -24.57 25.21 -17.52
CA ASP C 142 -24.51 25.68 -18.90
C ASP C 142 -24.99 27.04 -19.24
N ASP C 143 -24.38 27.55 -20.29
CA ASP C 143 -24.71 28.85 -20.80
C ASP C 143 -23.95 29.01 -22.09
N PRO C 144 -24.58 29.60 -23.12
CA PRO C 144 -23.84 29.83 -24.37
C PRO C 144 -22.51 30.54 -24.17
N ASN C 145 -22.45 31.51 -23.24
CA ASN C 145 -21.24 32.30 -23.00
C ASN C 145 -20.34 31.79 -21.89
N LEU C 146 -20.56 30.54 -21.44
CA LEU C 146 -19.69 29.96 -20.39
C LEU C 146 -18.87 28.94 -21.11
N TYR C 147 -17.57 29.21 -21.25
CA TYR C 147 -16.73 28.25 -21.96
C TYR C 147 -15.26 28.38 -21.56
N SER C 148 -14.52 27.33 -21.85
CA SER C 148 -13.09 27.36 -21.62
C SER C 148 -12.49 26.40 -22.63
N THR C 149 -11.23 26.02 -22.39
CA THR C 149 -10.51 25.08 -23.28
C THR C 149 -9.62 24.20 -22.40
N PRO C 150 -9.23 23.02 -22.88
CA PRO C 150 -8.31 22.17 -22.13
C PRO C 150 -7.05 22.92 -21.73
N TYR C 151 -6.51 23.69 -22.66
CA TYR C 151 -5.30 24.43 -22.35
C TYR C 151 -5.55 25.44 -21.23
N ASP C 152 -6.62 26.22 -21.33
CA ASP C 152 -6.93 27.19 -20.29
C ASP C 152 -7.22 26.55 -18.95
N LEU C 153 -7.88 25.40 -18.96
CA LEU C 153 -8.13 24.67 -17.73
C LEU C 153 -6.79 24.22 -17.12
N ALA C 154 -5.81 23.89 -17.95
CA ALA C 154 -4.46 23.56 -17.45
C ALA C 154 -3.82 24.75 -16.79
N LEU C 155 -3.93 25.91 -17.42
CA LEU C 155 -3.37 27.15 -16.87
C LEU C 155 -4.03 27.40 -15.53
N LEU C 156 -5.33 27.12 -15.44
CA LEU C 156 -6.03 27.38 -14.18
C LEU C 156 -5.58 26.46 -13.10
N GLY C 157 -5.45 25.19 -13.46
CA GLY C 157 -4.97 24.20 -12.44
C GLY C 157 -3.58 24.63 -11.93
N GLN C 158 -2.71 24.99 -12.86
CA GLN C 158 -1.35 25.45 -12.54
C GLN C 158 -1.38 26.66 -11.61
N ALA C 159 -2.26 27.62 -11.94
CA ALA C 159 -2.37 28.83 -11.12
C ALA C 159 -2.82 28.56 -9.70
N LEU C 160 -3.71 27.55 -9.57
CA LEU C 160 -4.18 27.22 -8.26
C LEU C 160 -3.03 26.73 -7.36
N ILE C 161 -2.25 25.81 -7.91
CA ILE C 161 -1.08 25.27 -7.20
C ILE C 161 -0.05 26.37 -6.96
N ARG C 162 0.14 27.22 -7.95
CA ARG C 162 1.17 28.22 -7.81
C ARG C 162 0.87 29.41 -6.93
N ASP C 163 -0.34 29.95 -7.06
CA ASP C 163 -0.66 31.23 -6.41
C ASP C 163 -1.42 31.09 -5.11
N VAL C 164 -2.25 30.03 -4.99
CA VAL C 164 -3.05 29.85 -3.78
C VAL C 164 -2.84 28.42 -3.15
N PRO C 165 -1.64 28.15 -2.68
CA PRO C 165 -1.28 26.78 -2.13
C PRO C 165 -2.22 26.28 -1.01
N GLU C 166 -2.64 27.16 -0.11
CA GLU C 166 -3.55 26.86 0.97
C GLU C 166 -4.90 26.51 0.45
N GLU C 167 -5.26 27.05 -0.71
CA GLU C 167 -6.49 26.67 -1.29
C GLU C 167 -6.24 25.31 -1.97
N TYR C 168 -5.10 25.15 -2.65
CA TYR C 168 -4.81 23.91 -3.42
C TYR C 168 -4.73 22.67 -2.53
N ALA C 169 -4.27 22.86 -1.30
CA ALA C 169 -4.13 21.70 -0.40
C ALA C 169 -5.49 21.06 -0.17
N ILE C 170 -6.55 21.85 -0.33
CA ILE C 170 -7.83 21.34 -0.01
C ILE C 170 -8.30 20.26 -1.03
N TYR C 171 -7.73 20.28 -2.23
CA TYR C 171 -8.10 19.37 -3.30
C TYR C 171 -7.66 17.92 -3.06
N SER C 172 -6.80 17.69 -2.08
CA SER C 172 -6.39 16.34 -1.79
C SER C 172 -7.14 15.78 -0.60
N GLU C 173 -8.06 16.53 -0.02
CA GLU C 173 -8.88 16.00 1.09
C GLU C 173 -9.94 15.08 0.37
N GLN C 174 -10.12 13.92 0.92
CA GLN C 174 -10.94 12.86 0.36
C GLN C 174 -12.41 12.88 0.62
N LYS C 175 -12.81 13.64 1.64
CA LYS C 175 -14.23 13.76 1.94
C LYS C 175 -14.53 14.94 2.80
N PHE C 176 -15.81 15.27 2.90
CA PHE C 176 -16.24 16.35 3.75
C PHE C 176 -17.66 16.07 4.15
N THR C 177 -17.93 16.33 5.41
CA THR C 177 -19.24 16.21 5.98
C THR C 177 -19.81 17.61 6.36
N TYR C 178 -21.05 17.84 5.91
CA TYR C 178 -21.79 19.00 6.31
C TYR C 178 -23.23 18.62 6.65
N ASN C 179 -23.65 19.02 7.85
CA ASN C 179 -25.00 18.79 8.29
C ASN C 179 -25.35 17.26 8.31
N GLY C 180 -24.37 16.43 8.66
CA GLY C 180 -24.57 14.98 8.78
C GLY C 180 -24.64 14.26 7.46
N ILE C 181 -24.28 14.97 6.40
CA ILE C 181 -24.19 14.44 5.05
C ILE C 181 -22.72 14.44 4.59
N THR C 182 -22.17 13.24 4.40
CA THR C 182 -20.78 13.02 3.97
C THR C 182 -20.73 12.80 2.47
N GLN C 183 -19.86 13.53 1.77
CA GLN C 183 -19.67 13.36 0.33
C GLN C 183 -18.18 13.24 0.09
N TYR C 184 -17.83 12.31 -0.81
CA TYR C 184 -16.46 12.03 -1.15
C TYR C 184 -15.95 12.81 -2.30
N ASN C 185 -14.65 13.04 -2.27
CA ASN C 185 -14.00 13.72 -3.38
C ASN C 185 -14.09 12.76 -4.56
N ARG C 186 -14.65 13.23 -5.70
CA ARG C 186 -14.80 12.37 -6.87
C ARG C 186 -13.50 12.08 -7.66
N ASN C 187 -12.39 12.71 -7.27
CA ASN C 187 -11.12 12.45 -7.97
C ASN C 187 -10.51 11.17 -7.35
N GLY C 188 -10.85 10.04 -7.94
CA GLY C 188 -10.43 8.73 -7.50
C GLY C 188 -8.94 8.53 -7.51
N LEU C 189 -8.23 9.27 -8.36
CA LEU C 189 -6.76 9.14 -8.39
C LEU C 189 -6.09 9.53 -7.09
N LEU C 190 -6.82 10.21 -6.19
CA LEU C 190 -6.25 10.55 -4.88
C LEU C 190 -5.96 9.27 -4.06
N TRP C 191 -6.67 8.19 -4.36
CA TRP C 191 -6.51 6.90 -3.68
C TRP C 191 -5.48 5.99 -4.37
N ASP C 192 -5.06 6.34 -5.57
CA ASP C 192 -4.09 5.53 -6.31
C ASP C 192 -2.74 5.64 -5.57
N LYS C 193 -2.27 4.50 -5.14
CA LYS C 193 -1.04 4.44 -4.34
C LYS C 193 0.24 4.49 -5.17
N SER C 194 0.16 3.94 -6.40
CA SER C 194 1.33 3.92 -7.31
C SER C 194 1.73 5.31 -7.87
N MET C 195 0.89 6.30 -7.69
CA MET C 195 1.17 7.70 -8.13
C MET C 195 0.92 8.72 -7.03
N ASN C 196 1.54 9.87 -7.13
CA ASN C 196 1.29 10.94 -6.18
C ASN C 196 0.44 12.07 -6.85
N VAL C 197 -0.83 11.79 -7.00
CA VAL C 197 -1.80 12.73 -7.52
C VAL C 197 -2.39 13.48 -6.33
N ASP C 198 -2.30 14.80 -6.34
CA ASP C 198 -2.84 15.61 -5.23
C ASP C 198 -3.91 16.64 -5.67
N GLY C 199 -4.44 16.47 -6.89
CA GLY C 199 -5.47 17.31 -7.44
C GLY C 199 -5.91 16.82 -8.80
N ILE C 200 -6.85 17.50 -9.47
CA ILE C 200 -7.45 18.73 -8.98
C ILE C 200 -8.96 18.65 -8.95
N LYS C 201 -9.62 18.69 -10.11
CA LYS C 201 -11.06 18.73 -10.10
C LYS C 201 -11.68 17.88 -11.17
N THR C 202 -12.86 17.39 -10.83
CA THR C 202 -13.57 16.49 -11.67
C THR C 202 -14.83 17.15 -12.24
N GLY C 203 -15.37 16.62 -13.35
CA GLY C 203 -16.64 17.16 -13.90
C GLY C 203 -17.14 16.33 -15.07
N HIS C 204 -18.37 16.53 -15.48
CA HIS C 204 -18.98 15.86 -16.62
C HIS C 204 -19.71 16.91 -17.50
N THR C 205 -19.60 16.75 -18.83
CA THR C 205 -20.30 17.63 -19.76
C THR C 205 -21.26 16.69 -20.53
N SER C 206 -22.54 16.97 -20.40
CA SER C 206 -23.58 16.08 -20.94
C SER C 206 -23.48 15.51 -22.38
N GLY C 207 -23.00 16.25 -23.37
CA GLY C 207 -22.89 15.63 -24.71
C GLY C 207 -21.54 14.97 -24.97
N ALA C 208 -20.55 15.21 -24.11
CA ALA C 208 -19.16 14.78 -24.31
C ALA C 208 -18.66 13.63 -23.44
N GLY C 209 -18.83 13.78 -22.13
CA GLY C 209 -18.37 12.75 -21.20
C GLY C 209 -17.73 13.28 -19.94
N TYR C 210 -16.91 12.46 -19.31
CA TYR C 210 -16.27 12.75 -18.07
C TYR C 210 -14.94 13.42 -18.25
N ASN C 211 -14.73 14.42 -17.39
CA ASN C 211 -13.56 15.23 -17.42
C ASN C 211 -12.76 15.22 -16.11
N LEU C 212 -11.46 15.44 -16.23
CA LEU C 212 -10.59 15.55 -15.07
C LEU C 212 -9.42 16.49 -15.32
N VAL C 213 -9.19 17.39 -14.34
CA VAL C 213 -7.99 18.23 -14.35
C VAL C 213 -7.16 17.65 -13.23
N SER C 214 -6.01 17.08 -13.51
CA SER C 214 -5.21 16.47 -12.48
C SER C 214 -3.79 17.07 -12.40
N SER C 215 -3.10 16.87 -11.28
CA SER C 215 -1.72 17.24 -11.09
C SER C 215 -1.07 16.18 -10.25
N ALA C 216 0.19 15.87 -10.56
CA ALA C 216 0.91 14.82 -9.79
C ALA C 216 2.36 15.16 -9.76
N THR C 217 3.05 14.57 -8.79
CA THR C 217 4.47 14.75 -8.67
C THR C 217 5.17 13.38 -8.65
N GLU C 218 6.45 13.41 -9.01
CA GLU C 218 7.36 12.25 -9.01
C GLU C 218 8.78 12.85 -9.02
N GLY C 219 9.54 12.63 -7.98
CA GLY C 219 10.90 13.18 -7.92
C GLY C 219 10.78 14.67 -7.90
N ASN C 220 11.55 15.35 -8.74
CA ASN C 220 11.49 16.77 -8.87
C ASN C 220 10.50 17.24 -9.91
N MET C 221 9.66 16.34 -10.39
CA MET C 221 8.73 16.71 -11.44
C MET C 221 7.32 16.97 -10.98
N ARG C 222 6.66 17.94 -11.66
CA ARG C 222 5.26 18.13 -11.44
C ARG C 222 4.59 18.30 -12.79
N LEU C 223 3.49 17.58 -12.99
CA LEU C 223 2.74 17.73 -14.24
C LEU C 223 1.31 18.10 -13.95
N VAL C 224 0.68 18.73 -14.92
CA VAL C 224 -0.72 19.06 -14.88
C VAL C 224 -1.31 18.45 -16.14
N ALA C 225 -2.39 17.69 -15.97
CA ALA C 225 -3.10 17.07 -17.11
C ALA C 225 -4.57 17.42 -17.10
N VAL C 226 -5.11 17.57 -18.29
CA VAL C 226 -6.53 17.80 -18.48
C VAL C 226 -7.01 16.75 -19.47
N VAL C 227 -8.09 16.06 -19.14
CA VAL C 227 -8.71 15.03 -20.05
C VAL C 227 -10.18 15.38 -20.10
N MET C 228 -10.70 15.54 -21.30
CA MET C 228 -12.11 15.90 -21.48
C MET C 228 -12.84 14.89 -22.35
N GLY C 229 -14.00 14.49 -21.93
CA GLY C 229 -14.85 13.66 -22.71
C GLY C 229 -14.47 12.21 -22.78
N THR C 230 -14.24 11.60 -21.61
CA THR C 230 -13.97 10.14 -21.54
C THR C 230 -15.29 9.45 -21.35
N ASP C 231 -15.32 8.17 -21.64
CA ASP C 231 -16.58 7.43 -21.60
C ASP C 231 -17.23 7.14 -20.24
N ASN C 232 -16.46 7.10 -19.16
CA ASN C 232 -17.03 6.82 -17.83
C ASN C 232 -16.03 7.17 -16.81
N GLU C 233 -16.42 7.15 -15.53
CA GLU C 233 -15.48 7.53 -14.46
C GLU C 233 -14.19 6.68 -14.44
N ASN C 234 -14.28 5.40 -14.77
CA ASN C 234 -13.10 4.53 -14.75
C ASN C 234 -12.11 4.92 -15.84
N ALA C 235 -12.64 5.25 -17.03
CA ALA C 235 -11.83 5.69 -18.13
C ALA C 235 -11.19 7.03 -17.78
N ARG C 236 -11.95 7.96 -17.18
CA ARG C 236 -11.35 9.23 -16.78
C ARG C 236 -10.07 9.00 -15.95
N LYS C 237 -10.13 8.09 -14.99
CA LYS C 237 -8.95 7.81 -14.18
C LYS C 237 -7.88 7.14 -14.99
N ALA C 238 -8.19 6.03 -15.67
CA ALA C 238 -7.16 5.31 -16.42
C ALA C 238 -6.47 6.19 -17.51
N GLU C 239 -7.25 6.98 -18.24
CA GLU C 239 -6.65 7.78 -19.27
C GLU C 239 -5.75 8.86 -18.70
N SER C 240 -6.16 9.43 -17.59
CA SER C 240 -5.36 10.47 -16.93
C SER C 240 -4.10 9.88 -16.40
N LYS C 241 -4.17 8.66 -15.87
CA LYS C 241 -2.97 8.01 -15.30
C LYS C 241 -1.99 7.74 -16.45
N LYS C 242 -2.49 7.30 -17.61
CA LYS C 242 -1.58 7.06 -18.76
C LYS C 242 -0.94 8.38 -19.18
N LEU C 243 -1.76 9.39 -19.32
CA LEU C 243 -1.24 10.66 -19.75
C LEU C 243 -0.16 11.12 -18.80
N LEU C 244 -0.43 11.06 -17.53
CA LEU C 244 0.58 11.49 -16.53
C LEU C 244 1.85 10.65 -16.56
N SER C 245 1.72 9.32 -16.62
N SER C 245 1.69 9.34 -16.72
CA SER C 245 2.92 8.47 -16.64
CA SER C 245 2.88 8.51 -16.67
C SER C 245 3.78 8.77 -17.85
C SER C 245 3.76 8.82 -17.83
N TYR C 246 3.15 9.01 -18.99
CA TYR C 246 3.90 9.34 -20.18
C TYR C 246 4.74 10.61 -19.90
N GLY C 247 4.16 11.59 -19.25
CA GLY C 247 4.93 12.82 -18.96
C GLY C 247 6.14 12.56 -18.09
N PHE C 248 5.97 11.71 -17.08
CA PHE C 248 7.05 11.41 -16.14
C PHE C 248 8.17 10.69 -16.83
N ARG C 249 7.81 9.80 -17.76
CA ARG C 249 8.77 9.10 -18.58
C ARG C 249 9.35 9.96 -19.71
N PHE C 250 8.63 10.98 -20.18
CA PHE C 250 9.10 11.86 -21.30
C PHE C 250 10.43 12.51 -21.01
N PHE C 251 10.55 13.04 -19.80
CA PHE C 251 11.77 13.69 -19.43
C PHE C 251 12.93 12.69 -19.32
N GLU C 252 12.62 11.42 -19.02
CA GLU C 252 13.65 10.38 -18.98
C GLU C 252 13.95 10.03 -20.45
C1 PEG D . 16.53 -26.12 4.01
O1 PEG D . 17.25 -24.88 4.02
C2 PEG D . 16.74 -26.87 5.32
O2 PEG D . 15.71 -26.59 6.28
C3 PEG D . 15.57 -25.20 6.63
C4 PEG D . 15.00 -25.08 8.05
O4 PEG D . 13.58 -24.85 8.02
N NO2 E . 45.16 -18.98 2.92
O1 NO2 E . 44.02 -18.58 2.72
O2 NO2 E . 46.25 -18.20 2.45
N NO2 F . 18.37 -18.41 1.58
O1 NO2 F . 18.25 -19.53 2.03
O2 NO2 F . 17.20 -17.97 0.96
C1 PEG G . -24.79 -4.06 -8.82
O1 PEG G . -25.44 -5.19 -9.39
C2 PEG G . -23.44 -4.42 -8.18
O2 PEG G . -22.40 -4.49 -9.16
C3 PEG G . -21.19 -3.78 -8.81
C4 PEG G . -20.09 -4.19 -9.77
O4 PEG G . -20.14 -3.54 -11.05
C1 PEG H . -0.49 -32.20 7.33
O1 PEG H . 0.87 -32.30 6.90
C2 PEG H . -0.86 -30.73 7.56
O2 PEG H . -2.19 -30.63 8.07
C3 PEG H . -2.24 -30.56 9.50
C4 PEG H . -3.70 -30.50 9.93
O4 PEG H . -3.77 -29.87 11.21
C1 GOL I . -13.24 6.70 -4.76
O1 GOL I . -12.33 6.12 -5.70
C2 GOL I . -13.62 5.64 -3.72
O2 GOL I . -12.47 4.88 -3.30
C3 GOL I . -14.26 6.32 -2.53
O3 GOL I . -15.40 7.04 -2.99
C1 PEG J . -7.65 41.94 -10.95
O1 PEG J . -8.74 41.72 -10.06
C2 PEG J . -6.88 40.66 -11.19
O2 PEG J . -5.49 40.80 -10.82
C3 PEG J . -4.67 41.35 -11.85
C4 PEG J . -3.25 41.52 -11.34
O4 PEG J . -3.29 41.85 -9.95
N NO2 K . -16.87 5.23 -0.03
O1 NO2 K . -18.03 5.41 -0.37
O2 NO2 K . -16.14 4.23 -0.66
#